data_3PZ2
#
_entry.id   3PZ2
#
_cell.length_a   66.448
_cell.length_b   84.582
_cell.length_c   117.973
_cell.angle_alpha   90.00
_cell.angle_beta   90.00
_cell.angle_gamma   90.00
#
_symmetry.space_group_name_H-M   'P 21 21 21'
#
loop_
_entity.id
_entity.type
_entity.pdbx_description
1 polymer 'Geranylgeranyl transferase type-2 subunit alpha'
2 polymer 'Geranylgeranyl transferase type-2 subunit beta'
3 non-polymer 'ZINC ION'
4 non-polymer 'CALCIUM ION'
5 non-polymer (3R)-3-benzyl-4-[(4-methoxyphenyl)sulfonyl]-1-[(1-methyl-1H-imidazol-5-yl)methyl]-2,3,4,5-tetrahydro-1H-1,4-benzodiazepine-7-carbonitrile
6 non-polymer 'GERANYLGERANYL DIPHOSPHATE'
7 water water
#
loop_
_entity_poly.entity_id
_entity_poly.type
_entity_poly.pdbx_seq_one_letter_code
_entity_poly.pdbx_strand_id
1 'polypeptide(L)'
;GHMHGRLKVKTSEEQAEAKRLEREQKLKLYQSATQAVFQKRQAGELDESVLELTSQILGANPDFATLWNCRREVLQHLET
EKSPEESAALVKAELGFLESCLRVNPKSYGTWHHRCWLLSRLPEPNWARELELCARFLEADERNFHCWDYRRFVAAQAAV
APAEELAFTDSLITRNFSNYSSWHYRSCLLPQLHPQPDSGPQGRLPENVLLKELELVQNAFFTDPNDQSAWFYHRWLLGA
GSGRCELSVEKSTVLQSELESCKELQELEPENKWCLLTIILLMRALDPLLYEKETLQYFSTLKAVDPMRAAYLDDLRSKF
LLENSVLKMEYA
;
A
2 'polypeptide(L)'
;GTQQKDVTIKSDAPDTLLLEKHADYIASYGSKKDDYEYCMSEYLRMSGVYWGLTVMDLMGQLHRMNKEEILVFIKSCQHE
CGGVSASIGHDPHLLYTLSAVQILTLYDSIHVINVDKVVAYVQSLQKEDGSFAGDIWGEIDTRFSFCAVATLALLGKLDA
INVEKAIEFVLSCMNFDGGFGCRPGSESHAGQIYCCTGFLAITSQLHQVNSDLLGWWLCERQLPSGGLNGRPEKLPDVCY
SWWVLASLKIIGRLHWIDREKLRSFILACQDEETGGFADRPGDMVDPFHTLFGIAGLSLLGEEQIKPVSPVFCMPEEVLQ
RVNVQPELVS
;
B
#
loop_
_chem_comp.id
_chem_comp.type
_chem_comp.name
_chem_comp.formula
3PZ non-polymer (3R)-3-benzyl-4-[(4-methoxyphenyl)sulfonyl]-1-[(1-methyl-1H-imidazol-5-yl)methyl]-2,3,4,5-tetrahydro-1H-1,4-benzodiazepine-7-carbonitrile 'C29 H29 N5 O3 S'
CA non-polymer 'CALCIUM ION' 'Ca 2'
GRG non-polymer 'GERANYLGERANYL DIPHOSPHATE' 'C20 H36 O7 P2'
ZN non-polymer 'ZINC ION' 'Zn 2'
#
# COMPACT_ATOMS: atom_id res chain seq x y z
N ALA A 18 34.50 0.10 16.91
CA ALA A 18 34.00 -1.04 17.75
C ALA A 18 32.86 -1.76 17.04
N LYS A 19 31.71 -1.08 16.94
CA LYS A 19 30.54 -1.63 16.26
C LYS A 19 30.71 -1.74 14.74
N ARG A 20 31.62 -0.94 14.16
CA ARG A 20 31.88 -0.96 12.72
C ARG A 20 32.63 -2.23 12.35
N LEU A 21 33.59 -2.59 13.19
CA LEU A 21 34.36 -3.81 13.02
C LEU A 21 33.43 -5.00 12.81
N GLU A 22 32.69 -5.38 13.85
CA GLU A 22 31.81 -6.56 13.79
C GLU A 22 30.75 -6.54 12.68
N ARG A 23 30.40 -5.35 12.17
CA ARG A 23 29.43 -5.25 11.06
C ARG A 23 30.05 -5.00 9.66
N GLU A 24 31.37 -4.77 9.60
CA GLU A 24 32.12 -4.99 8.35
C GLU A 24 32.41 -6.50 8.24
N GLN A 25 32.71 -7.14 9.36
CA GLN A 25 32.76 -8.61 9.46
C GLN A 25 31.56 -9.27 8.79
N LYS A 26 30.37 -8.75 9.07
CA LYS A 26 29.15 -9.37 8.60
C LYS A 26 28.95 -9.11 7.10
N LEU A 27 29.20 -7.89 6.67
CA LEU A 27 29.12 -7.54 5.24
C LEU A 27 30.11 -8.40 4.42
N LYS A 28 31.34 -8.54 4.90
CA LYS A 28 32.33 -9.40 4.24
C LYS A 28 31.74 -10.78 3.94
N LEU A 29 31.21 -11.42 4.98
CA LEU A 29 30.71 -12.79 4.89
C LEU A 29 29.44 -12.91 4.01
N TYR A 30 28.52 -11.96 4.16
CA TYR A 30 27.32 -11.91 3.30
C TYR A 30 27.76 -11.73 1.86
N GLN A 31 28.73 -10.84 1.69
CA GLN A 31 29.21 -10.46 0.37
C GLN A 31 29.91 -11.62 -0.35
N SER A 32 30.69 -12.41 0.38
CA SER A 32 31.32 -13.63 -0.18
C SER A 32 30.28 -14.74 -0.40
N ALA A 33 29.39 -14.94 0.57
CA ALA A 33 28.33 -15.95 0.46
C ALA A 33 27.43 -15.71 -0.78
N THR A 34 27.19 -14.45 -1.11
CA THR A 34 26.28 -14.12 -2.20
C THR A 34 26.92 -14.56 -3.48
N GLN A 35 28.17 -14.11 -3.65
CA GLN A 35 29.10 -14.52 -4.71
C GLN A 35 29.13 -16.02 -4.97
N ALA A 36 29.29 -16.77 -3.89
CA ALA A 36 29.40 -18.21 -3.99
C ALA A 36 28.06 -18.78 -4.40
N VAL A 37 26.96 -18.16 -3.95
CA VAL A 37 25.61 -18.63 -4.32
C VAL A 37 25.39 -18.46 -5.82
N PHE A 38 25.75 -17.30 -6.35
CA PHE A 38 25.59 -17.06 -7.78
C PHE A 38 26.48 -17.98 -8.63
N GLN A 39 27.75 -18.11 -8.22
CA GLN A 39 28.68 -19.04 -8.85
C GLN A 39 28.02 -20.41 -8.90
N LYS A 40 27.70 -20.94 -7.72
CA LYS A 40 27.02 -22.23 -7.61
C LYS A 40 25.81 -22.33 -8.52
N ARG A 41 25.10 -21.21 -8.72
CA ARG A 41 23.84 -21.23 -9.45
C ARG A 41 23.98 -21.44 -10.96
N GLN A 42 24.83 -20.63 -11.59
CA GLN A 42 25.14 -20.81 -13.03
C GLN A 42 25.68 -22.23 -13.30
N ALA A 43 26.61 -22.68 -12.46
CA ALA A 43 27.10 -24.07 -12.54
C ALA A 43 25.97 -25.08 -12.29
N GLY A 44 24.96 -24.72 -11.50
CA GLY A 44 23.82 -25.59 -11.25
C GLY A 44 23.96 -26.45 -10.02
N GLU A 45 24.81 -26.05 -9.08
CA GLU A 45 24.92 -26.75 -7.78
C GLU A 45 23.68 -26.49 -6.90
N LEU A 46 22.57 -27.14 -7.26
CA LEU A 46 21.37 -27.08 -6.45
C LEU A 46 21.52 -28.10 -5.30
N ASP A 47 22.20 -27.71 -4.24
CA ASP A 47 22.46 -28.61 -3.13
C ASP A 47 22.18 -27.97 -1.78
N GLU A 48 22.39 -28.76 -0.72
CA GLU A 48 22.45 -28.29 0.66
C GLU A 48 23.41 -27.12 0.88
N SER A 49 24.52 -27.08 0.14
CA SER A 49 25.53 -26.01 0.35
C SER A 49 24.95 -24.61 0.04
N VAL A 50 24.08 -24.54 -0.97
CA VAL A 50 23.33 -23.32 -1.28
C VAL A 50 22.26 -22.97 -0.22
N LEU A 51 21.45 -23.96 0.16
CA LEU A 51 20.57 -23.81 1.32
C LEU A 51 21.32 -23.23 2.52
N GLU A 52 22.58 -23.65 2.72
CA GLU A 52 23.36 -23.19 3.88
C GLU A 52 23.86 -21.76 3.65
N LEU A 53 24.34 -21.49 2.45
CA LEU A 53 24.77 -20.15 2.08
C LEU A 53 23.63 -19.10 2.09
N THR A 54 22.52 -19.41 1.43
CA THR A 54 21.36 -18.53 1.48
C THR A 54 20.87 -18.36 2.93
N SER A 55 21.06 -19.39 3.77
CA SER A 55 20.56 -19.31 5.17
C SER A 55 21.24 -18.16 5.86
N GLN A 56 22.56 -18.15 5.71
CA GLN A 56 23.39 -17.06 6.19
C GLN A 56 22.86 -15.70 5.75
N ILE A 57 22.52 -15.59 4.46
CA ILE A 57 22.21 -14.31 3.84
C ILE A 57 20.80 -13.88 4.19
N LEU A 58 19.84 -14.77 3.94
CA LEU A 58 18.44 -14.45 4.18
C LEU A 58 18.11 -14.16 5.65
N GLY A 59 18.82 -14.83 6.55
CA GLY A 59 18.65 -14.61 7.98
C GLY A 59 18.96 -13.18 8.36
N ALA A 60 19.91 -12.57 7.65
CA ALA A 60 20.32 -11.20 7.92
C ALA A 60 19.59 -10.20 7.00
N ASN A 61 18.96 -10.73 5.94
CA ASN A 61 18.35 -9.92 4.89
C ASN A 61 17.18 -10.69 4.21
N PRO A 62 16.09 -10.88 4.95
CA PRO A 62 14.94 -11.56 4.38
C PRO A 62 14.31 -10.96 3.07
N ASP A 63 14.55 -9.70 2.72
CA ASP A 63 14.00 -9.18 1.45
C ASP A 63 14.82 -9.48 0.19
N PHE A 64 15.82 -10.36 0.29
CA PHE A 64 16.59 -10.77 -0.87
C PHE A 64 15.85 -11.84 -1.69
N ALA A 65 14.89 -11.36 -2.46
CA ALA A 65 13.87 -12.21 -3.09
C ALA A 65 14.47 -13.36 -3.88
N THR A 66 15.48 -13.05 -4.65
CA THR A 66 16.12 -14.02 -5.55
C THR A 66 16.59 -15.22 -4.72
N LEU A 67 17.02 -14.96 -3.50
CA LEU A 67 17.42 -16.07 -2.60
C LEU A 67 16.28 -16.95 -2.12
N TRP A 68 15.09 -16.40 -1.89
CA TRP A 68 13.92 -17.27 -1.62
C TRP A 68 13.65 -18.10 -2.85
N ASN A 69 13.77 -17.48 -4.03
CA ASN A 69 13.63 -18.23 -5.31
C ASN A 69 14.62 -19.39 -5.37
N CYS A 70 15.89 -19.12 -5.04
CA CYS A 70 16.94 -20.15 -5.07
C CYS A 70 16.61 -21.31 -4.16
N ARG A 71 16.36 -21.02 -2.90
CA ARG A 71 15.92 -22.01 -1.93
C ARG A 71 14.86 -22.86 -2.54
N ARG A 72 13.81 -22.24 -3.07
CA ARG A 72 12.71 -23.00 -3.65
C ARG A 72 13.19 -23.96 -4.68
N GLU A 73 14.11 -23.53 -5.54
CA GLU A 73 14.62 -24.36 -6.63
C GLU A 73 15.45 -25.51 -6.13
N VAL A 74 16.31 -25.25 -5.13
CA VAL A 74 17.03 -26.34 -4.45
C VAL A 74 16.04 -27.36 -3.87
N LEU A 75 15.15 -26.92 -2.99
CA LEU A 75 14.21 -27.84 -2.32
C LEU A 75 13.47 -28.72 -3.33
N GLN A 76 13.12 -28.13 -4.48
CA GLN A 76 12.47 -28.86 -5.58
C GLN A 76 13.45 -29.80 -6.31
N HIS A 77 14.72 -29.40 -6.39
CA HIS A 77 15.71 -30.25 -7.03
C HIS A 77 16.12 -31.40 -6.12
N LEU A 78 16.43 -31.08 -4.85
CA LEU A 78 16.65 -32.09 -3.81
C LEU A 78 15.41 -32.93 -3.55
N GLU A 79 14.24 -32.31 -3.68
CA GLU A 79 12.95 -33.00 -3.43
C GLU A 79 12.80 -34.36 -4.13
N THR A 80 13.48 -34.56 -5.25
CA THR A 80 13.36 -35.82 -5.99
C THR A 80 14.54 -36.73 -5.65
N GLU A 81 15.74 -36.29 -6.03
CA GLU A 81 16.97 -37.01 -5.72
C GLU A 81 17.31 -37.10 -4.20
N LYS A 82 16.27 -37.20 -3.38
CA LYS A 82 16.43 -37.45 -1.96
C LYS A 82 15.22 -38.21 -1.45
N SER A 83 15.40 -38.82 -0.27
CA SER A 83 14.39 -39.66 0.33
C SER A 83 13.29 -38.78 0.88
N PRO A 84 12.03 -39.23 0.78
CA PRO A 84 10.94 -38.49 1.45
C PRO A 84 11.15 -38.28 2.95
N GLU A 85 12.12 -38.99 3.55
CA GLU A 85 12.57 -38.65 4.91
C GLU A 85 13.53 -37.44 4.89
N GLU A 86 14.48 -37.42 3.94
CA GLU A 86 15.43 -36.30 3.81
C GLU A 86 14.76 -35.01 3.33
N SER A 87 13.72 -35.15 2.50
CA SER A 87 12.84 -34.04 2.09
C SER A 87 12.14 -33.46 3.32
N ALA A 88 11.52 -34.35 4.11
CA ALA A 88 10.73 -33.97 5.28
C ALA A 88 11.59 -33.19 6.29
N ALA A 89 12.80 -33.67 6.53
CA ALA A 89 13.81 -32.96 7.33
C ALA A 89 14.08 -31.55 6.79
N LEU A 90 14.13 -31.43 5.46
CA LEU A 90 14.37 -30.13 4.86
C LEU A 90 13.16 -29.21 4.99
N VAL A 91 11.95 -29.75 4.89
CA VAL A 91 10.74 -28.92 5.12
C VAL A 91 10.71 -28.37 6.56
N LYS A 92 10.98 -29.23 7.55
CA LYS A 92 11.00 -28.79 8.96
C LYS A 92 12.08 -27.77 9.25
N ALA A 93 13.26 -28.03 8.72
CA ALA A 93 14.38 -27.11 8.81
C ALA A 93 13.95 -25.76 8.24
N GLU A 94 13.28 -25.82 7.07
CA GLU A 94 12.81 -24.63 6.34
C GLU A 94 11.72 -23.79 7.08
N LEU A 95 10.73 -24.45 7.66
CA LEU A 95 9.71 -23.74 8.43
C LEU A 95 10.28 -22.96 9.62
N GLY A 96 11.26 -23.55 10.29
CA GLY A 96 11.88 -22.89 11.40
C GLY A 96 12.76 -21.76 10.99
N PHE A 97 13.49 -21.93 9.89
CA PHE A 97 14.20 -20.81 9.25
C PHE A 97 13.25 -19.62 8.89
N LEU A 98 12.09 -19.93 8.33
CA LEU A 98 11.05 -18.93 7.98
C LEU A 98 10.58 -18.12 9.16
N GLU A 99 10.30 -18.82 10.26
CA GLU A 99 9.78 -18.21 11.45
C GLU A 99 10.88 -17.35 12.04
N SER A 100 12.10 -17.86 12.00
CA SER A 100 13.24 -17.10 12.51
CA SER A 100 13.26 -17.11 12.49
C SER A 100 13.44 -15.85 11.67
N CYS A 101 13.28 -15.99 10.35
CA CYS A 101 13.32 -14.83 9.45
C CYS A 101 12.19 -13.81 9.70
N LEU A 102 10.99 -14.28 9.99
CA LEU A 102 9.82 -13.43 10.25
C LEU A 102 9.95 -12.66 11.58
N ARG A 103 10.53 -13.30 12.59
CA ARG A 103 10.89 -12.61 13.84
C ARG A 103 11.90 -11.47 13.53
N VAL A 104 12.80 -11.69 12.60
CA VAL A 104 13.71 -10.63 12.15
C VAL A 104 12.91 -9.49 11.43
N ASN A 105 12.25 -9.86 10.33
CA ASN A 105 11.49 -8.93 9.49
C ASN A 105 10.06 -9.42 9.26
N PRO A 106 9.18 -9.10 10.19
CA PRO A 106 7.84 -9.62 10.09
C PRO A 106 7.01 -9.01 8.97
N LYS A 107 7.60 -8.09 8.19
CA LYS A 107 6.96 -7.42 7.05
C LYS A 107 7.47 -7.86 5.68
N SER A 108 8.38 -8.81 5.63
CA SER A 108 8.98 -9.25 4.40
C SER A 108 7.93 -9.95 3.53
N TYR A 109 7.65 -9.38 2.37
CA TYR A 109 6.70 -9.97 1.43
C TYR A 109 7.10 -11.36 0.97
N GLY A 110 8.38 -11.46 0.59
CA GLY A 110 8.94 -12.74 0.12
C GLY A 110 9.10 -13.76 1.23
N THR A 111 9.49 -13.34 2.44
CA THR A 111 9.49 -14.32 3.56
C THR A 111 8.10 -14.92 3.79
N TRP A 112 7.08 -14.08 3.88
CA TRP A 112 5.69 -14.54 4.03
C TRP A 112 5.21 -15.35 2.86
N HIS A 113 5.57 -14.95 1.65
CA HIS A 113 5.11 -15.67 0.47
C HIS A 113 5.86 -17.01 0.29
N HIS A 114 7.13 -17.02 0.66
CA HIS A 114 7.90 -18.27 0.76
C HIS A 114 7.25 -19.30 1.71
N ARG A 115 6.71 -18.84 2.84
CA ARG A 115 5.93 -19.67 3.73
C ARG A 115 4.60 -20.09 3.13
N CYS A 116 4.04 -19.25 2.28
CA CYS A 116 2.81 -19.57 1.55
CA CYS A 116 2.80 -19.60 1.57
C CYS A 116 3.07 -20.71 0.56
N TRP A 117 4.11 -20.54 -0.23
CA TRP A 117 4.54 -21.56 -1.18
C TRP A 117 4.77 -22.87 -0.44
N LEU A 118 5.46 -22.80 0.70
CA LEU A 118 5.91 -23.98 1.39
C LEU A 118 4.71 -24.74 1.93
N LEU A 119 3.81 -24.03 2.58
CA LEU A 119 2.62 -24.65 3.17
C LEU A 119 1.70 -25.19 2.11
N SER A 120 1.49 -24.41 1.05
CA SER A 120 0.64 -24.82 -0.10
C SER A 120 1.06 -26.17 -0.72
N ARG A 121 2.34 -26.51 -0.60
CA ARG A 121 2.85 -27.69 -1.27
C ARG A 121 3.03 -28.89 -0.31
N LEU A 122 2.73 -28.66 0.96
CA LEU A 122 2.80 -29.73 1.94
C LEU A 122 1.59 -30.68 1.82
N PRO A 123 1.82 -31.95 2.04
CA PRO A 123 0.80 -32.93 1.75
C PRO A 123 -0.13 -33.03 2.91
N GLU A 124 0.35 -32.58 4.05
CA GLU A 124 -0.42 -32.64 5.23
C GLU A 124 0.05 -31.54 6.15
N PRO A 125 -0.47 -30.36 5.93
CA PRO A 125 -0.03 -29.15 6.60
C PRO A 125 -0.78 -28.88 7.87
N ASN A 126 -0.09 -28.46 8.92
CA ASN A 126 -0.75 -28.11 10.17
C ASN A 126 -1.21 -26.64 10.20
N TRP A 127 -2.45 -26.41 9.77
CA TRP A 127 -3.04 -25.05 9.74
C TRP A 127 -3.31 -24.48 11.15
N ALA A 128 -3.59 -25.33 12.13
CA ALA A 128 -3.89 -24.86 13.48
C ALA A 128 -2.64 -24.18 14.05
N ARG A 129 -1.51 -24.83 13.83
CA ARG A 129 -0.20 -24.24 14.16
C ARG A 129 0.06 -22.94 13.38
N GLU A 130 -0.36 -22.87 12.13
CA GLU A 130 -0.24 -21.64 11.36
C GLU A 130 -1.12 -20.53 11.93
N LEU A 131 -2.34 -20.87 12.32
CA LEU A 131 -3.25 -19.89 12.89
C LEU A 131 -2.72 -19.39 14.24
N GLU A 132 -2.09 -20.28 15.00
CA GLU A 132 -1.45 -19.89 16.24
C GLU A 132 -0.30 -18.93 15.98
N LEU A 133 0.52 -19.24 14.97
CA LEU A 133 1.56 -18.30 14.53
C LEU A 133 1.03 -16.88 14.16
N CYS A 134 -0.07 -16.82 13.41
CA CYS A 134 -0.77 -15.55 13.15
C CYS A 134 -1.17 -14.86 14.46
N ALA A 135 -1.71 -15.62 15.43
CA ALA A 135 -1.96 -15.12 16.81
C ALA A 135 -0.76 -14.40 17.40
N ARG A 136 0.36 -15.10 17.45
CA ARG A 136 1.63 -14.58 17.97
C ARG A 136 2.04 -13.35 17.24
N PHE A 137 1.99 -13.36 15.90
CA PHE A 137 2.47 -12.21 15.12
C PHE A 137 1.49 -11.02 15.31
N LEU A 138 0.20 -11.30 15.50
CA LEU A 138 -0.76 -10.25 15.72
C LEU A 138 -0.66 -9.68 17.12
N GLU A 139 -0.12 -10.47 18.06
CA GLU A 139 0.20 -10.01 19.41
C GLU A 139 1.33 -8.98 19.43
N ALA A 140 2.37 -9.29 18.67
CA ALA A 140 3.48 -8.37 18.41
C ALA A 140 3.02 -7.10 17.66
N ASP A 141 2.28 -7.29 16.55
CA ASP A 141 1.80 -6.18 15.71
C ASP A 141 0.40 -6.49 15.19
N GLU A 142 -0.58 -5.99 15.90
CA GLU A 142 -1.98 -6.25 15.58
C GLU A 142 -2.49 -5.59 14.28
N ARG A 143 -1.68 -4.72 13.67
CA ARG A 143 -1.99 -4.04 12.42
C ARG A 143 -1.15 -4.61 11.28
N ASN A 144 -0.40 -5.68 11.54
CA ASN A 144 0.50 -6.18 10.50
C ASN A 144 -0.35 -6.78 9.41
N PHE A 145 -0.48 -6.06 8.29
CA PHE A 145 -1.39 -6.50 7.18
C PHE A 145 -0.92 -7.78 6.46
N HIS A 146 0.39 -7.96 6.39
CA HIS A 146 1.01 -9.23 5.92
C HIS A 146 0.53 -10.42 6.71
N CYS A 147 0.43 -10.23 8.03
CA CYS A 147 -0.03 -11.30 8.88
C CYS A 147 -1.58 -11.50 8.74
N TRP A 148 -2.35 -10.43 8.63
CA TRP A 148 -3.78 -10.58 8.39
C TRP A 148 -4.09 -11.28 7.07
N ASP A 149 -3.31 -10.94 6.05
CA ASP A 149 -3.38 -11.61 4.74
C ASP A 149 -3.03 -13.08 4.87
N TYR A 150 -1.91 -13.36 5.50
CA TYR A 150 -1.50 -14.75 5.68
C TYR A 150 -2.54 -15.45 6.51
N ARG A 151 -3.08 -14.78 7.54
CA ARG A 151 -4.20 -15.36 8.27
C ARG A 151 -5.38 -15.70 7.38
N ARG A 152 -5.68 -14.85 6.40
CA ARG A 152 -6.87 -15.15 5.54
C ARG A 152 -6.50 -16.27 4.57
N PHE A 153 -5.22 -16.31 4.20
CA PHE A 153 -4.71 -17.39 3.37
C PHE A 153 -4.93 -18.69 4.13
N VAL A 154 -4.49 -18.73 5.38
CA VAL A 154 -4.60 -19.91 6.22
C VAL A 154 -6.08 -20.29 6.47
N ALA A 155 -6.94 -19.32 6.74
CA ALA A 155 -8.35 -19.61 7.02
C ALA A 155 -9.04 -20.22 5.80
N ALA A 156 -8.69 -19.75 4.61
CA ALA A 156 -9.16 -20.33 3.35
C ALA A 156 -8.54 -21.71 3.03
N GLN A 157 -7.23 -21.90 3.23
CA GLN A 157 -6.63 -23.24 3.06
C GLN A 157 -7.22 -24.28 4.03
N ALA A 158 -7.62 -23.83 5.21
CA ALA A 158 -8.16 -24.70 6.26
C ALA A 158 -9.67 -24.56 6.37
N ALA A 159 -10.29 -23.90 5.38
CA ALA A 159 -11.72 -23.74 5.33
C ALA A 159 -12.32 -23.40 6.69
N VAL A 160 -11.68 -22.48 7.40
CA VAL A 160 -12.26 -21.90 8.61
C VAL A 160 -13.46 -21.10 8.15
N ALA A 161 -14.56 -21.22 8.90
CA ALA A 161 -15.83 -20.60 8.54
C ALA A 161 -15.91 -19.18 9.08
N PRO A 162 -16.57 -18.30 8.33
CA PRO A 162 -16.82 -16.91 8.74
C PRO A 162 -17.12 -16.64 10.22
N ALA A 163 -17.81 -17.54 10.92
CA ALA A 163 -18.24 -17.24 12.30
C ALA A 163 -17.12 -17.47 13.31
N GLU A 164 -16.31 -18.50 13.06
CA GLU A 164 -15.08 -18.76 13.80
C GLU A 164 -14.13 -17.56 13.74
N GLU A 165 -13.85 -17.07 12.54
CA GLU A 165 -13.03 -15.88 12.36
C GLU A 165 -13.66 -14.65 13.00
N LEU A 166 -14.97 -14.48 12.83
CA LEU A 166 -15.71 -13.39 13.46
C LEU A 166 -15.66 -13.43 15.00
N ALA A 167 -15.48 -14.61 15.60
CA ALA A 167 -15.24 -14.72 17.05
C ALA A 167 -13.82 -14.23 17.37
N PHE A 168 -12.85 -14.72 16.62
CA PHE A 168 -11.48 -14.25 16.77
C PHE A 168 -11.42 -12.71 16.71
N THR A 169 -12.16 -12.13 15.79
CA THR A 169 -12.22 -10.68 15.66
C THR A 169 -12.92 -10.05 16.86
N ASP A 170 -13.98 -10.70 17.32
CA ASP A 170 -14.73 -10.24 18.49
C ASP A 170 -13.89 -10.29 19.79
N SER A 171 -12.81 -11.06 19.79
CA SER A 171 -11.92 -11.16 20.95
C SER A 171 -10.72 -10.17 20.90
N LEU A 172 -10.42 -9.64 19.71
CA LEU A 172 -9.26 -8.75 19.49
C LEU A 172 -9.64 -7.26 19.33
N ILE A 173 -10.95 -6.99 19.36
CA ILE A 173 -11.44 -5.60 19.43
C ILE A 173 -11.81 -5.30 20.87
N THR A 174 -12.48 -6.25 21.51
CA THR A 174 -13.15 -5.94 22.76
C THR A 174 -12.12 -5.86 23.86
N ARG A 175 -11.49 -7.01 24.15
CA ARG A 175 -10.34 -7.05 25.04
C ARG A 175 -9.49 -5.78 24.84
N ASN A 176 -8.99 -5.61 23.64
CA ASN A 176 -8.05 -4.57 23.38
C ASN A 176 -8.42 -3.84 22.13
N PHE A 177 -7.86 -2.65 21.98
CA PHE A 177 -8.19 -1.80 20.85
C PHE A 177 -7.13 -1.62 19.76
N SER A 178 -6.59 -2.71 19.22
CA SER A 178 -5.83 -2.75 17.92
C SER A 178 -6.82 -2.91 16.71
N ASN A 179 -7.87 -2.12 16.84
CA ASN A 179 -9.14 -2.25 16.21
C ASN A 179 -9.27 -2.25 14.69
N TYR A 180 -8.66 -1.29 13.98
CA TYR A 180 -9.14 -1.03 12.62
C TYR A 180 -9.01 -2.27 11.70
N SER A 181 -7.87 -2.98 11.81
CA SER A 181 -7.63 -4.17 11.00
C SER A 181 -8.62 -5.26 11.31
N SER A 182 -9.02 -5.34 12.59
CA SER A 182 -10.01 -6.30 13.03
CA SER A 182 -10.03 -6.27 13.09
C SER A 182 -11.45 -5.93 12.64
N TRP A 183 -11.84 -4.66 12.78
CA TRP A 183 -13.16 -4.22 12.31
C TRP A 183 -13.31 -4.33 10.77
N HIS A 184 -12.20 -4.19 10.05
CA HIS A 184 -12.23 -4.42 8.61
C HIS A 184 -12.53 -5.86 8.30
N TYR A 185 -11.81 -6.74 8.97
CA TYR A 185 -11.98 -8.14 8.75
C TYR A 185 -13.46 -8.46 9.01
N ARG A 186 -14.03 -7.89 10.07
CA ARG A 186 -15.46 -8.06 10.37
C ARG A 186 -16.31 -7.66 9.19
N SER A 187 -16.11 -6.42 8.75
CA SER A 187 -16.70 -5.90 7.52
C SER A 187 -16.80 -6.91 6.34
N CYS A 188 -15.78 -7.76 6.18
CA CYS A 188 -15.75 -8.74 5.12
C CYS A 188 -16.36 -10.03 5.50
N LEU A 189 -16.24 -10.40 6.78
CA LEU A 189 -16.70 -11.69 7.26
C LEU A 189 -18.21 -11.73 7.38
N LEU A 190 -18.78 -10.62 7.84
CA LEU A 190 -20.23 -10.48 8.05
C LEU A 190 -21.08 -10.76 6.82
N PRO A 191 -20.85 -10.04 5.71
CA PRO A 191 -21.69 -10.33 4.55
C PRO A 191 -21.60 -11.78 4.13
N GLN A 192 -20.51 -12.45 4.47
CA GLN A 192 -20.38 -13.89 4.19
C GLN A 192 -21.30 -14.80 5.03
N LEU A 193 -21.97 -14.23 6.02
CA LEU A 193 -23.02 -14.94 6.76
C LEU A 193 -24.38 -14.85 6.07
N HIS A 194 -24.51 -13.95 5.08
CA HIS A 194 -25.82 -13.67 4.46
C HIS A 194 -25.77 -13.67 2.95
N ARG A 204 -27.14 -2.26 1.64
CA ARG A 204 -28.05 -3.30 1.14
C ARG A 204 -27.74 -4.68 1.80
N LEU A 205 -27.33 -4.62 3.08
CA LEU A 205 -27.17 -5.81 3.93
C LEU A 205 -28.38 -5.86 4.88
N PRO A 206 -28.81 -7.08 5.29
CA PRO A 206 -30.12 -7.23 5.91
C PRO A 206 -30.46 -6.15 6.95
N GLU A 207 -31.65 -5.56 6.82
CA GLU A 207 -32.18 -4.61 7.81
C GLU A 207 -31.96 -5.10 9.26
N ASN A 208 -32.31 -6.35 9.54
CA ASN A 208 -32.14 -6.91 10.89
C ASN A 208 -30.69 -6.89 11.39
N VAL A 209 -29.75 -7.15 10.48
CA VAL A 209 -28.32 -7.19 10.78
C VAL A 209 -27.78 -5.76 10.89
N LEU A 210 -28.20 -4.92 9.95
CA LEU A 210 -27.85 -3.51 9.93
C LEU A 210 -28.14 -2.84 11.28
N LEU A 211 -29.40 -2.96 11.73
CA LEU A 211 -29.81 -2.37 13.01
C LEU A 211 -29.12 -3.03 14.22
N LYS A 212 -28.76 -4.31 14.10
CA LYS A 212 -27.94 -4.99 15.10
C LYS A 212 -26.48 -4.48 15.15
N GLU A 213 -25.95 -4.06 13.99
CA GLU A 213 -24.61 -3.46 13.91
C GLU A 213 -24.63 -2.00 14.30
N LEU A 214 -25.76 -1.34 14.08
CA LEU A 214 -25.93 0.00 14.57
C LEU A 214 -25.82 -0.01 16.11
N GLU A 215 -26.28 -1.10 16.73
CA GLU A 215 -26.15 -1.31 18.17
C GLU A 215 -24.70 -1.53 18.62
N LEU A 216 -24.04 -2.55 18.08
CA LEU A 216 -22.64 -2.85 18.43
C LEU A 216 -21.73 -1.64 18.22
N VAL A 217 -22.00 -0.87 17.17
CA VAL A 217 -21.18 0.29 16.83
C VAL A 217 -21.58 1.49 17.69
N GLN A 218 -22.88 1.75 17.85
CA GLN A 218 -23.29 2.84 18.72
C GLN A 218 -22.79 2.59 20.16
N ASN A 219 -22.74 1.32 20.56
CA ASN A 219 -22.02 0.89 21.79
C ASN A 219 -20.53 1.23 21.74
N ALA A 220 -19.89 0.92 20.61
CA ALA A 220 -18.45 1.10 20.46
C ALA A 220 -18.05 2.52 20.81
N PHE A 221 -18.78 3.49 20.27
CA PHE A 221 -18.50 4.89 20.58
C PHE A 221 -19.29 5.43 21.77
N PHE A 222 -19.42 4.59 22.80
CA PHE A 222 -19.47 5.02 24.19
C PHE A 222 -18.54 4.00 24.86
N THR A 223 -17.25 4.24 24.68
CA THR A 223 -16.21 3.47 25.34
C THR A 223 -14.97 4.25 24.95
N ASP A 224 -14.72 4.31 23.63
CA ASP A 224 -13.87 5.32 23.08
C ASP A 224 -14.59 5.99 21.90
N PRO A 225 -15.38 7.03 22.21
CA PRO A 225 -15.89 7.88 21.15
C PRO A 225 -14.76 8.54 20.32
N ASN A 226 -13.49 8.42 20.73
CA ASN A 226 -12.42 8.86 19.84
C ASN A 226 -11.61 7.71 19.16
N ASP A 227 -12.09 6.47 19.29
CA ASP A 227 -11.64 5.37 18.43
C ASP A 227 -12.41 5.45 17.10
N GLN A 228 -11.68 5.60 16.01
CA GLN A 228 -12.27 5.94 14.70
C GLN A 228 -12.88 4.79 13.87
N SER A 229 -12.48 3.55 14.15
CA SER A 229 -12.97 2.34 13.44
C SER A 229 -14.50 2.23 13.44
N ALA A 230 -15.09 2.29 14.63
CA ALA A 230 -16.54 2.37 14.79
C ALA A 230 -17.17 3.46 13.91
N TRP A 231 -16.57 4.64 13.88
CA TRP A 231 -17.16 5.75 13.12
C TRP A 231 -17.14 5.53 11.60
N PHE A 232 -16.03 4.97 11.12
CA PHE A 232 -15.82 4.70 9.70
C PHE A 232 -16.82 3.65 9.29
N TYR A 233 -16.87 2.63 10.13
CA TYR A 233 -17.79 1.51 10.00
C TYR A 233 -19.26 1.94 10.00
N HIS A 234 -19.63 2.73 10.99
CA HIS A 234 -20.98 3.28 11.09
C HIS A 234 -21.38 4.11 9.86
N ARG A 235 -20.46 4.84 9.21
CA ARG A 235 -20.81 5.57 7.96
C ARG A 235 -21.12 4.67 6.78
N TRP A 236 -20.44 3.52 6.72
CA TRP A 236 -20.76 2.44 5.80
C TRP A 236 -22.19 2.02 6.06
N LEU A 237 -22.49 1.74 7.34
CA LEU A 237 -23.77 1.17 7.77
C LEU A 237 -24.95 2.06 7.38
N LEU A 238 -24.79 3.37 7.60
CA LEU A 238 -25.72 4.39 7.09
C LEU A 238 -25.79 4.39 5.57
N GLY A 239 -24.65 4.41 4.89
CA GLY A 239 -24.67 4.47 3.42
C GLY A 239 -25.43 3.27 2.89
N ALA A 240 -24.99 2.09 3.33
CA ALA A 240 -25.69 0.83 3.13
C ALA A 240 -26.91 0.78 4.01
N GLU A 246 -38.00 2.43 2.31
CA GLU A 246 -38.03 2.11 3.73
C GLU A 246 -37.06 2.97 4.54
N LEU A 247 -37.51 3.98 5.19
CA LEU A 247 -37.03 4.17 6.48
C LEU A 247 -38.07 3.29 7.11
N SER A 248 -38.11 3.21 8.40
CA SER A 248 -39.12 2.36 8.90
C SER A 248 -39.24 2.97 10.20
N VAL A 249 -40.41 2.89 10.79
CA VAL A 249 -40.43 3.31 12.20
C VAL A 249 -39.20 2.73 12.91
N GLU A 250 -38.95 1.44 12.70
CA GLU A 250 -37.82 0.73 13.33
C GLU A 250 -36.53 1.52 13.14
N LYS A 251 -36.20 1.80 11.89
CA LYS A 251 -34.90 2.39 11.54
C LYS A 251 -34.82 3.90 11.82
N SER A 252 -35.83 4.65 11.36
CA SER A 252 -35.91 6.12 11.57
C SER A 252 -35.84 6.48 13.06
N THR A 253 -36.38 5.56 13.87
CA THR A 253 -36.40 5.72 15.33
C THR A 253 -35.04 5.40 15.88
N VAL A 254 -34.38 4.40 15.33
CA VAL A 254 -33.03 4.10 15.75
C VAL A 254 -32.11 5.26 15.31
N LEU A 255 -32.34 5.81 14.11
CA LEU A 255 -31.55 6.98 13.61
C LEU A 255 -31.77 8.28 14.43
N GLN A 256 -33.04 8.57 14.76
CA GLN A 256 -33.41 9.68 15.65
C GLN A 256 -32.81 9.49 17.06
N SER A 257 -32.85 8.25 17.51
CA SER A 257 -32.24 7.86 18.77
C SER A 257 -30.73 8.12 18.64
N GLU A 258 -30.10 7.57 17.61
CA GLU A 258 -28.65 7.77 17.36
C GLU A 258 -28.27 9.25 17.42
N LEU A 259 -29.07 10.04 16.71
CA LEU A 259 -28.93 11.50 16.63
C LEU A 259 -28.94 12.23 17.98
N GLU A 260 -29.75 11.75 18.91
CA GLU A 260 -29.79 12.32 20.25
C GLU A 260 -28.61 11.79 21.07
N SER A 261 -28.41 10.47 21.04
CA SER A 261 -27.26 9.84 21.69
C SER A 261 -26.00 10.60 21.30
N CYS A 262 -25.92 10.91 19.99
CA CYS A 262 -24.84 11.72 19.45
C CYS A 262 -24.78 13.17 20.00
N LYS A 263 -25.95 13.79 20.18
CA LYS A 263 -26.01 15.14 20.75
C LYS A 263 -25.54 15.18 22.22
N GLU A 264 -25.84 14.13 22.99
CA GLU A 264 -25.37 14.05 24.39
C GLU A 264 -23.83 13.94 24.41
N LEU A 265 -23.32 13.16 23.47
CA LEU A 265 -21.90 12.95 23.31
C LEU A 265 -21.15 14.22 22.89
N GLN A 266 -21.82 15.09 22.12
CA GLN A 266 -21.21 16.35 21.65
C GLN A 266 -20.73 17.26 22.81
N GLU A 267 -21.37 17.09 23.96
CA GLU A 267 -20.83 17.57 25.22
C GLU A 267 -19.49 16.88 25.53
N GLU A 271 -17.05 18.73 20.44
CA GLU A 271 -15.58 18.67 20.30
C GLU A 271 -15.02 17.32 19.81
N ASN A 272 -15.90 16.42 19.45
CA ASN A 272 -15.55 15.18 18.83
C ASN A 272 -16.01 15.25 17.37
N LYS A 273 -15.06 15.36 16.45
CA LYS A 273 -15.42 15.60 15.04
C LYS A 273 -16.26 14.46 14.46
N TRP A 274 -15.94 13.21 14.85
CA TRP A 274 -16.62 12.05 14.25
C TRP A 274 -18.13 12.01 14.56
N CYS A 275 -18.45 12.36 15.79
CA CYS A 275 -19.81 12.45 16.26
C CYS A 275 -20.59 13.57 15.53
N LEU A 276 -19.95 14.74 15.37
CA LEU A 276 -20.49 15.86 14.58
C LEU A 276 -20.76 15.53 13.11
N LEU A 277 -19.79 14.93 12.40
CA LEU A 277 -20.05 14.53 11.02
C LEU A 277 -21.22 13.57 10.98
N THR A 278 -21.25 12.62 11.91
CA THR A 278 -22.29 11.58 11.92
C THR A 278 -23.74 12.16 12.06
N ILE A 279 -23.87 13.18 12.91
CA ILE A 279 -25.15 13.88 13.11
C ILE A 279 -25.66 14.54 11.83
N ILE A 280 -24.77 15.17 11.07
CA ILE A 280 -25.08 15.71 9.76
C ILE A 280 -25.53 14.63 8.82
N LEU A 281 -24.79 13.55 8.82
CA LEU A 281 -25.12 12.45 7.96
C LEU A 281 -26.43 11.76 8.43
N LEU A 282 -26.64 11.63 9.73
CA LEU A 282 -27.95 11.17 10.23
C LEU A 282 -29.11 12.10 9.82
N MET A 283 -28.97 13.41 10.01
CA MET A 283 -30.02 14.35 9.57
C MET A 283 -30.25 14.26 8.08
N ARG A 284 -29.18 14.03 7.34
CA ARG A 284 -29.25 13.77 5.91
C ARG A 284 -30.01 12.52 5.63
N ALA A 285 -29.69 11.50 6.44
CA ALA A 285 -30.34 10.20 6.39
C ALA A 285 -31.84 10.30 6.71
N LEU A 286 -32.23 11.32 7.47
CA LEU A 286 -33.58 11.39 8.04
C LEU A 286 -34.49 12.21 7.14
N ASP A 287 -34.33 13.54 7.18
CA ASP A 287 -35.09 14.47 6.30
C ASP A 287 -34.19 15.69 6.05
N PRO A 288 -33.48 15.68 4.91
CA PRO A 288 -32.49 16.72 4.61
C PRO A 288 -33.09 18.13 4.42
N LEU A 289 -34.28 18.20 3.81
CA LEU A 289 -35.00 19.46 3.68
C LEU A 289 -35.44 20.00 5.04
N LEU A 290 -35.95 19.13 5.88
CA LEU A 290 -36.37 19.53 7.22
C LEU A 290 -35.20 20.05 8.09
N TYR A 291 -34.07 19.37 7.98
CA TYR A 291 -32.91 19.64 8.83
C TYR A 291 -31.85 20.51 8.18
N GLU A 292 -32.24 21.23 7.11
CA GLU A 292 -31.27 21.98 6.35
C GLU A 292 -30.59 22.99 7.26
N LYS A 293 -31.41 23.61 8.12
CA LYS A 293 -30.93 24.67 9.03
C LYS A 293 -29.87 24.12 9.98
N GLU A 294 -30.16 22.98 10.57
CA GLU A 294 -29.29 22.34 11.53
C GLU A 294 -28.05 21.76 10.85
N THR A 295 -28.21 21.25 9.63
CA THR A 295 -27.10 20.73 8.84
C THR A 295 -26.06 21.88 8.67
N LEU A 296 -26.54 23.07 8.36
CA LEU A 296 -25.68 24.21 8.24
C LEU A 296 -25.00 24.56 9.58
N GLN A 297 -25.76 24.59 10.68
CA GLN A 297 -25.17 24.80 12.03
C GLN A 297 -24.01 23.84 12.26
N TYR A 298 -24.28 22.57 12.01
CA TYR A 298 -23.32 21.52 12.31
C TYR A 298 -22.03 21.64 11.49
N PHE A 299 -22.20 22.01 10.21
CA PHE A 299 -21.07 22.16 9.34
C PHE A 299 -20.16 23.22 9.95
N SER A 300 -20.74 24.28 10.49
CA SER A 300 -19.95 25.35 11.14
C SER A 300 -19.15 24.85 12.34
N THR A 301 -19.83 24.21 13.28
CA THR A 301 -19.15 23.65 14.45
C THR A 301 -18.04 22.63 14.05
N LEU A 302 -18.36 21.78 13.08
CA LEU A 302 -17.45 20.76 12.63
C LEU A 302 -16.18 21.35 12.00
N LYS A 303 -16.34 22.39 11.19
CA LYS A 303 -15.18 23.08 10.62
C LYS A 303 -14.24 23.59 11.70
N ALA A 304 -14.80 24.17 12.78
CA ALA A 304 -13.99 24.76 13.83
C ALA A 304 -13.26 23.68 14.64
N VAL A 305 -13.92 22.56 14.85
CA VAL A 305 -13.34 21.37 15.51
C VAL A 305 -12.29 20.64 14.66
N ASP A 306 -12.54 20.51 13.36
CA ASP A 306 -11.65 19.77 12.47
C ASP A 306 -11.21 20.60 11.28
N PRO A 307 -10.51 21.71 11.53
CA PRO A 307 -10.12 22.63 10.46
C PRO A 307 -9.31 22.00 9.30
N MET A 308 -8.60 20.88 9.55
CA MET A 308 -7.79 20.29 8.50
C MET A 308 -8.71 19.79 7.40
N ARG A 309 -9.94 19.40 7.75
CA ARG A 309 -10.90 18.93 6.81
C ARG A 309 -11.84 20.05 6.28
N ALA A 310 -11.44 21.31 6.42
CA ALA A 310 -12.29 22.43 5.98
C ALA A 310 -12.78 22.27 4.51
N ALA A 311 -11.88 21.89 3.61
CA ALA A 311 -12.16 21.87 2.17
C ALA A 311 -13.09 20.70 1.80
N TYR A 312 -12.93 19.58 2.48
CA TYR A 312 -13.85 18.45 2.35
C TYR A 312 -15.28 18.80 2.80
N LEU A 313 -15.35 19.37 3.99
CA LEU A 313 -16.60 19.75 4.62
C LEU A 313 -17.35 20.83 3.83
N ASP A 314 -16.60 21.69 3.15
CA ASP A 314 -17.19 22.69 2.29
C ASP A 314 -17.84 22.06 1.09
N ASP A 315 -17.14 21.08 0.48
CA ASP A 315 -17.63 20.39 -0.70
C ASP A 315 -18.77 19.49 -0.37
N LEU A 316 -18.75 18.92 0.83
CA LEU A 316 -19.83 18.08 1.34
C LEU A 316 -21.04 18.93 1.58
N ARG A 317 -20.84 20.07 2.19
CA ARG A 317 -21.94 21.00 2.38
C ARG A 317 -22.50 21.49 1.04
N SER A 318 -21.64 21.80 0.08
CA SER A 318 -22.12 22.25 -1.25
C SER A 318 -22.96 21.19 -1.91
N LYS A 319 -22.47 19.94 -1.80
CA LYS A 319 -23.19 18.81 -2.40
C LYS A 319 -24.56 18.58 -1.75
N PHE A 320 -24.61 18.65 -0.44
CA PHE A 320 -25.89 18.60 0.27
C PHE A 320 -26.82 19.77 -0.07
N LEU A 321 -26.28 20.95 -0.17
CA LEU A 321 -27.10 22.10 -0.46
C LEU A 321 -27.73 21.95 -1.87
N LEU A 322 -26.95 21.50 -2.84
CA LEU A 322 -27.44 21.26 -4.19
C LEU A 322 -28.49 20.15 -4.21
N GLU A 323 -28.16 18.97 -3.65
CA GLU A 323 -29.14 17.88 -3.41
C GLU A 323 -30.48 18.44 -3.00
N ASN A 324 -30.46 19.33 -2.00
CA ASN A 324 -31.66 19.99 -1.41
C ASN A 324 -32.43 20.89 -2.36
N SER A 325 -31.69 21.65 -3.13
CA SER A 325 -32.31 22.49 -4.12
C SER A 325 -33.02 21.62 -5.15
N VAL A 326 -32.42 20.50 -5.54
CA VAL A 326 -33.12 19.54 -6.39
C VAL A 326 -34.42 19.14 -5.67
N LEU A 327 -34.32 18.65 -4.42
CA LEU A 327 -35.49 18.27 -3.65
C LEU A 327 -36.61 19.33 -3.57
N LYS A 328 -36.27 20.60 -3.35
CA LYS A 328 -37.28 21.67 -3.26
C LYS A 328 -38.07 21.86 -4.58
N MET A 329 -37.44 21.47 -5.68
CA MET A 329 -38.07 21.49 -7.01
C MET A 329 -39.04 20.33 -7.22
N GLU A 330 -39.16 19.43 -6.22
CA GLU A 330 -40.23 18.43 -6.18
C GLU A 330 -41.57 19.05 -5.74
N TYR A 331 -41.53 20.26 -5.16
CA TYR A 331 -42.75 21.00 -4.82
C TYR A 331 -43.31 21.70 -6.07
N ALA A 332 -44.64 21.56 -6.24
CA ALA A 332 -45.42 22.26 -7.27
C ALA A 332 -46.38 23.25 -6.60
N GLN B 4 -4.26 9.33 17.91
CA GLN B 4 -3.47 10.45 18.52
C GLN B 4 -1.95 10.16 18.64
N LYS B 5 -1.53 8.96 18.21
CA LYS B 5 -0.12 8.67 17.98
C LYS B 5 0.30 9.42 16.72
N ASP B 6 1.13 10.41 16.92
CA ASP B 6 1.61 11.31 15.89
C ASP B 6 3.00 11.80 16.29
N VAL B 7 3.73 12.35 15.37
CA VAL B 7 4.94 13.07 15.70
C VAL B 7 4.58 14.45 16.18
N THR B 8 5.45 15.02 17.00
CA THR B 8 5.42 16.44 17.23
C THR B 8 6.58 17.00 16.45
N ILE B 9 6.32 18.03 15.66
CA ILE B 9 7.37 18.70 14.92
C ILE B 9 8.06 19.75 15.79
N LYS B 10 9.40 19.74 15.75
CA LYS B 10 10.19 20.60 16.60
C LYS B 10 10.60 21.87 15.88
N SER B 11 10.70 22.94 16.68
CA SER B 11 11.30 24.23 16.34
C SER B 11 12.39 24.24 15.26
N ASP B 12 13.34 23.34 15.45
CA ASP B 12 14.59 23.27 14.68
C ASP B 12 14.51 22.31 13.47
N ALA B 13 13.29 21.87 13.12
CA ALA B 13 13.05 21.06 11.90
C ALA B 13 13.14 21.96 10.67
N PRO B 14 13.83 21.51 9.61
CA PRO B 14 13.95 22.36 8.43
C PRO B 14 12.60 22.86 7.91
N ASP B 15 12.54 24.12 7.48
CA ASP B 15 11.30 24.71 6.96
C ASP B 15 11.52 25.31 5.55
N THR B 16 12.52 24.75 4.87
CA THR B 16 13.06 25.25 3.61
C THR B 16 13.40 24.08 2.64
N LEU B 17 13.11 24.24 1.34
CA LEU B 17 13.40 23.16 0.38
C LEU B 17 14.87 23.13 -0.02
N LEU B 18 15.58 22.04 0.30
CA LEU B 18 17.03 21.92 0.14
C LEU B 18 17.43 21.11 -1.09
N LEU B 19 17.05 21.59 -2.26
CA LEU B 19 17.20 20.85 -3.51
C LEU B 19 18.64 20.45 -3.83
N GLU B 20 19.57 21.38 -3.63
CA GLU B 20 21.00 21.13 -3.94
C GLU B 20 21.61 19.99 -3.10
N LYS B 21 21.21 19.92 -1.84
CA LYS B 21 21.54 18.79 -0.98
C LYS B 21 20.94 17.46 -1.45
N HIS B 22 19.65 17.51 -1.84
CA HIS B 22 18.97 16.31 -2.35
C HIS B 22 19.63 15.85 -3.66
N ALA B 23 19.96 16.77 -4.56
CA ALA B 23 20.71 16.40 -5.77
C ALA B 23 22.06 15.75 -5.43
N ASP B 24 22.81 16.32 -4.50
CA ASP B 24 24.13 15.78 -4.18
C ASP B 24 23.97 14.46 -3.47
N TYR B 25 23.03 14.39 -2.54
CA TYR B 25 22.78 13.14 -1.85
C TYR B 25 22.47 12.03 -2.84
N ILE B 26 21.70 12.32 -3.88
CA ILE B 26 21.30 11.27 -4.82
C ILE B 26 22.43 10.96 -5.78
N ALA B 27 23.03 12.00 -6.33
CA ALA B 27 24.19 11.92 -7.22
C ALA B 27 25.30 11.04 -6.65
N SER B 28 25.52 11.17 -5.35
CA SER B 28 26.62 10.54 -4.67
C SER B 28 26.20 9.30 -3.89
N TYR B 29 25.06 8.70 -4.22
CA TYR B 29 24.56 7.60 -3.39
C TYR B 29 25.18 6.25 -3.78
N GLY B 30 25.67 5.54 -2.77
CA GLY B 30 26.42 4.30 -2.99
C GLY B 30 27.83 4.58 -3.50
N SER B 31 28.75 4.82 -2.56
CA SER B 31 30.11 5.26 -2.86
C SER B 31 31.14 4.52 -2.00
N GLU B 37 23.61 -1.13 3.66
CA GLU B 37 22.46 -0.42 3.11
C GLU B 37 22.46 -0.39 1.58
N TYR B 38 23.55 0.04 0.98
CA TYR B 38 23.63 -0.03 -0.45
C TYR B 38 23.94 -1.44 -0.79
N CYS B 39 24.73 -2.07 0.05
CA CYS B 39 25.04 -3.43 -0.23
C CYS B 39 23.90 -4.31 0.19
N MET B 40 23.20 -4.10 1.32
CA MET B 40 22.14 -5.07 1.47
C MET B 40 20.97 -4.86 0.48
N SER B 41 20.97 -3.77 -0.28
CA SER B 41 19.78 -3.39 -1.04
C SER B 41 19.95 -3.56 -2.55
N GLU B 42 20.93 -4.37 -2.96
CA GLU B 42 21.12 -4.68 -4.38
C GLU B 42 19.91 -5.39 -4.96
N TYR B 43 19.20 -6.14 -4.13
CA TYR B 43 17.95 -6.77 -4.54
C TYR B 43 16.83 -5.81 -5.06
N LEU B 44 16.91 -4.52 -4.77
CA LEU B 44 15.95 -3.52 -5.29
C LEU B 44 16.62 -2.54 -6.27
N ARG B 45 17.84 -2.86 -6.66
CA ARG B 45 18.70 -1.89 -7.29
C ARG B 45 18.02 -1.21 -8.48
N MET B 46 17.44 -1.96 -9.42
CA MET B 46 16.79 -1.34 -10.57
C MET B 46 15.78 -0.24 -10.16
N SER B 47 15.01 -0.52 -9.11
CA SER B 47 14.03 0.44 -8.58
C SER B 47 14.70 1.58 -7.84
N GLY B 48 15.82 1.33 -7.15
CA GLY B 48 16.53 2.43 -6.54
C GLY B 48 17.05 3.33 -7.62
N VAL B 49 17.46 2.74 -8.73
CA VAL B 49 17.98 3.51 -9.86
C VAL B 49 16.84 4.39 -10.40
N TYR B 50 15.68 3.80 -10.68
CA TYR B 50 14.43 4.56 -10.99
C TYR B 50 14.15 5.65 -9.98
N TRP B 51 14.18 5.32 -8.69
CA TRP B 51 13.88 6.35 -7.69
C TRP B 51 14.86 7.48 -7.82
N GLY B 52 16.15 7.16 -8.00
CA GLY B 52 17.16 8.23 -8.05
C GLY B 52 17.03 9.11 -9.28
N LEU B 53 16.78 8.47 -10.42
CA LEU B 53 16.67 9.17 -11.67
C LEU B 53 15.47 10.05 -11.68
N THR B 54 14.36 9.51 -11.18
CA THR B 54 13.08 10.25 -11.20
C THR B 54 13.15 11.49 -10.34
N VAL B 55 13.69 11.36 -9.12
CA VAL B 55 13.81 12.52 -8.22
C VAL B 55 14.78 13.56 -8.82
N MET B 56 15.89 13.09 -9.42
CA MET B 56 16.89 13.95 -10.07
C MET B 56 16.31 14.66 -11.23
N ASP B 57 15.51 13.97 -12.02
CA ASP B 57 14.94 14.60 -13.21
C ASP B 57 13.87 15.61 -12.85
N LEU B 58 12.97 15.25 -11.92
CA LEU B 58 11.99 16.20 -11.30
C LEU B 58 12.64 17.45 -10.76
N MET B 59 13.87 17.31 -10.28
CA MET B 59 14.66 18.42 -9.75
C MET B 59 15.55 19.04 -10.81
N GLY B 60 15.48 18.59 -12.07
CA GLY B 60 16.23 19.18 -13.17
C GLY B 60 17.68 18.68 -13.38
N GLN B 61 18.05 17.62 -12.66
CA GLN B 61 19.44 17.23 -12.45
C GLN B 61 19.78 15.85 -13.01
N LEU B 62 18.98 15.40 -13.97
CA LEU B 62 19.10 14.06 -14.51
C LEU B 62 20.48 13.83 -15.19
N HIS B 63 21.03 14.90 -15.75
CA HIS B 63 22.35 14.84 -16.45
C HIS B 63 23.50 14.39 -15.55
N ARG B 64 23.32 14.52 -14.25
CA ARG B 64 24.37 14.27 -13.31
C ARG B 64 24.53 12.81 -13.02
N MET B 65 23.70 11.99 -13.65
CA MET B 65 23.74 10.54 -13.50
C MET B 65 24.26 9.93 -14.80
N ASN B 66 24.41 8.62 -14.85
CA ASN B 66 25.14 8.00 -15.94
C ASN B 66 24.28 7.21 -16.89
N LYS B 67 23.73 7.95 -17.85
CA LYS B 67 22.81 7.43 -18.82
C LYS B 67 23.33 6.14 -19.49
N GLU B 68 24.49 6.26 -20.15
CA GLU B 68 25.08 5.15 -20.91
C GLU B 68 25.34 3.91 -20.04
N GLU B 69 25.78 4.15 -18.82
CA GLU B 69 26.08 3.09 -17.88
C GLU B 69 24.78 2.38 -17.50
N ILE B 70 23.77 3.17 -17.15
CA ILE B 70 22.45 2.66 -16.84
C ILE B 70 21.82 1.91 -18.01
N LEU B 71 21.91 2.45 -19.22
CA LEU B 71 21.34 1.75 -20.39
C LEU B 71 21.94 0.36 -20.59
N VAL B 72 23.18 0.20 -20.16
CA VAL B 72 23.89 -1.07 -20.28
C VAL B 72 23.51 -2.06 -19.16
N PHE B 73 23.32 -1.50 -17.96
CA PHE B 73 22.86 -2.25 -16.77
C PHE B 73 21.48 -2.84 -17.03
N ILE B 74 20.62 -2.05 -17.65
CA ILE B 74 19.24 -2.49 -17.85
C ILE B 74 19.23 -3.67 -18.81
N LYS B 75 19.87 -3.46 -19.96
CA LYS B 75 20.03 -4.50 -20.97
C LYS B 75 20.58 -5.81 -20.42
N SER B 76 21.55 -5.73 -19.51
CA SER B 76 22.13 -6.88 -18.84
C SER B 76 21.13 -7.51 -17.86
N CYS B 77 20.10 -6.75 -17.49
CA CYS B 77 19.10 -7.24 -16.54
C CYS B 77 17.84 -7.73 -17.23
N GLN B 78 17.74 -7.59 -18.56
CA GLN B 78 16.63 -8.24 -19.23
C GLN B 78 16.95 -9.70 -19.44
N HIS B 79 16.15 -10.58 -18.83
CA HIS B 79 16.29 -11.99 -19.00
C HIS B 79 15.66 -12.42 -20.35
N GLU B 80 15.92 -13.66 -20.75
CA GLU B 80 15.47 -14.16 -22.04
C GLU B 80 13.94 -14.23 -22.13
N CYS B 81 13.27 -14.44 -21.00
CA CYS B 81 11.79 -14.41 -20.83
CA CYS B 81 11.79 -14.45 -21.00
C CYS B 81 11.20 -13.05 -21.13
N GLY B 82 12.02 -12.03 -20.94
CA GLY B 82 11.61 -10.66 -21.24
C GLY B 82 11.45 -9.81 -20.01
N GLY B 83 11.35 -10.44 -18.84
CA GLY B 83 11.34 -9.76 -17.54
C GLY B 83 12.67 -9.17 -17.21
N VAL B 84 12.68 -8.15 -16.35
CA VAL B 84 13.90 -7.48 -15.93
C VAL B 84 14.13 -7.73 -14.44
N SER B 85 15.37 -8.13 -14.10
CA SER B 85 15.80 -8.21 -12.69
C SER B 85 16.19 -6.87 -12.05
N ALA B 86 16.24 -6.88 -10.73
CA ALA B 86 16.69 -5.74 -9.93
C ALA B 86 18.16 -5.46 -10.21
N SER B 87 18.89 -6.51 -10.55
CA SER B 87 20.32 -6.42 -10.74
C SER B 87 20.84 -7.68 -11.39
N ILE B 88 22.11 -7.66 -11.73
CA ILE B 88 22.75 -8.73 -12.49
C ILE B 88 22.85 -10.02 -11.67
N GLY B 89 22.44 -11.11 -12.30
CA GLY B 89 22.36 -12.38 -11.67
C GLY B 89 21.14 -12.60 -10.81
N HIS B 90 20.33 -11.56 -10.64
CA HIS B 90 19.08 -11.65 -9.88
C HIS B 90 17.99 -12.08 -10.83
N ASP B 91 16.87 -12.53 -10.28
CA ASP B 91 15.77 -13.04 -11.08
C ASP B 91 14.81 -11.94 -11.52
N PRO B 92 14.17 -12.13 -12.70
CA PRO B 92 13.31 -11.06 -13.18
C PRO B 92 12.08 -10.97 -12.30
N HIS B 93 11.54 -9.76 -12.22
CA HIS B 93 10.31 -9.48 -11.47
C HIS B 93 9.60 -8.29 -12.08
N LEU B 94 8.28 -8.29 -11.95
CA LEU B 94 7.40 -7.23 -12.46
C LEU B 94 7.79 -5.88 -11.95
N LEU B 95 8.21 -5.79 -10.68
CA LEU B 95 8.60 -4.52 -10.07
C LEU B 95 9.70 -3.82 -10.88
N TYR B 96 10.74 -4.57 -11.19
CA TYR B 96 11.96 -4.04 -11.77
C TYR B 96 11.71 -3.94 -13.26
N THR B 97 10.73 -4.70 -13.74
CA THR B 97 10.29 -4.53 -15.10
C THR B 97 9.67 -3.15 -15.28
N LEU B 98 8.79 -2.76 -14.37
CA LEU B 98 8.17 -1.44 -14.42
C LEU B 98 9.27 -0.41 -14.29
N SER B 99 10.10 -0.55 -13.28
CA SER B 99 11.18 0.41 -13.05
C SER B 99 12.08 0.61 -14.25
N ALA B 100 12.46 -0.47 -14.89
CA ALA B 100 13.37 -0.39 -16.05
C ALA B 100 12.71 0.40 -17.15
N VAL B 101 11.44 0.04 -17.43
CA VAL B 101 10.66 0.64 -18.53
C VAL B 101 10.44 2.10 -18.28
N GLN B 102 10.22 2.45 -17.02
CA GLN B 102 10.15 3.87 -16.59
C GLN B 102 11.47 4.55 -16.88
N ILE B 103 12.59 3.97 -16.41
CA ILE B 103 13.93 4.55 -16.65
C ILE B 103 14.13 4.79 -18.17
N LEU B 104 13.96 3.75 -19.00
CA LEU B 104 14.08 3.88 -20.45
C LEU B 104 13.13 4.91 -21.01
N THR B 105 11.97 5.12 -20.39
CA THR B 105 11.07 6.17 -20.86
C THR B 105 11.65 7.53 -20.45
N LEU B 106 12.08 7.67 -19.17
CA LEU B 106 12.87 8.82 -18.72
C LEU B 106 13.93 9.20 -19.76
N TYR B 107 14.53 8.19 -20.38
CA TYR B 107 15.67 8.37 -21.23
C TYR B 107 15.35 8.21 -22.69
N ASP B 108 14.09 7.87 -23.01
CA ASP B 108 13.68 7.76 -24.40
C ASP B 108 14.57 6.75 -25.10
N SER B 109 14.79 5.63 -24.42
CA SER B 109 15.67 4.57 -24.90
CA SER B 109 15.67 4.57 -24.90
C SER B 109 14.96 3.22 -24.84
N ILE B 110 13.68 3.22 -25.18
CA ILE B 110 12.86 1.99 -25.18
C ILE B 110 13.49 0.84 -25.97
N HIS B 111 14.00 1.18 -27.15
CA HIS B 111 14.71 0.25 -28.00
C HIS B 111 15.85 -0.54 -27.34
N VAL B 112 16.28 -0.12 -26.17
CA VAL B 112 17.41 -0.77 -25.54
C VAL B 112 17.11 -2.21 -25.18
N ILE B 113 15.91 -2.44 -24.67
CA ILE B 113 15.42 -3.78 -24.39
C ILE B 113 14.42 -4.29 -25.43
N ASN B 114 14.17 -5.60 -25.35
CA ASN B 114 13.21 -6.23 -26.23
C ASN B 114 11.80 -5.98 -25.67
N VAL B 115 11.09 -5.06 -26.34
CA VAL B 115 9.76 -4.58 -25.98
C VAL B 115 8.76 -5.72 -26.08
N ASP B 116 8.82 -6.46 -27.16
CA ASP B 116 7.92 -7.54 -27.38
C ASP B 116 8.01 -8.57 -26.24
N LYS B 117 9.20 -8.79 -25.69
CA LYS B 117 9.38 -9.82 -24.65
C LYS B 117 8.97 -9.31 -23.25
N VAL B 118 9.18 -8.02 -22.98
CA VAL B 118 8.61 -7.40 -21.83
C VAL B 118 7.07 -7.61 -21.84
N VAL B 119 6.46 -7.27 -22.97
CA VAL B 119 5.02 -7.36 -23.12
C VAL B 119 4.51 -8.80 -22.84
N ALA B 120 5.18 -9.76 -23.44
CA ALA B 120 4.91 -11.14 -23.21
C ALA B 120 5.20 -11.52 -21.74
N TYR B 121 6.28 -11.03 -21.15
CA TYR B 121 6.49 -11.37 -19.73
C TYR B 121 5.27 -10.91 -18.88
N VAL B 122 4.86 -9.67 -19.04
CA VAL B 122 3.75 -9.08 -18.28
C VAL B 122 2.44 -9.78 -18.59
N GLN B 123 2.23 -10.05 -19.87
CA GLN B 123 1.09 -10.87 -20.28
C GLN B 123 1.03 -12.24 -19.56
N SER B 124 2.20 -12.82 -19.30
CA SER B 124 2.31 -14.16 -18.70
C SER B 124 1.95 -14.21 -17.22
N LEU B 125 1.84 -13.08 -16.57
CA LEU B 125 1.73 -13.00 -15.12
C LEU B 125 0.29 -12.76 -14.67
N GLN B 126 -0.62 -12.60 -15.63
CA GLN B 126 -2.00 -12.42 -15.31
C GLN B 126 -2.64 -13.77 -15.04
N LYS B 127 -3.56 -13.75 -14.07
CA LYS B 127 -4.21 -14.95 -13.60
C LYS B 127 -5.64 -14.94 -14.08
N GLU B 128 -6.28 -16.11 -13.90
CA GLU B 128 -7.63 -16.36 -14.35
C GLU B 128 -8.56 -15.20 -13.88
N ASP B 129 -8.50 -14.90 -12.58
CA ASP B 129 -9.31 -13.79 -12.02
C ASP B 129 -8.90 -12.37 -12.44
N GLY B 130 -7.86 -12.19 -13.26
CA GLY B 130 -7.43 -10.86 -13.71
C GLY B 130 -6.29 -10.25 -12.89
N SER B 131 -5.99 -10.87 -11.76
CA SER B 131 -4.91 -10.39 -10.96
C SER B 131 -3.55 -10.61 -11.65
N PHE B 132 -2.51 -9.95 -11.14
CA PHE B 132 -1.13 -10.27 -11.53
C PHE B 132 -0.26 -10.79 -10.38
N ALA B 133 0.46 -11.89 -10.65
CA ALA B 133 1.66 -12.28 -9.90
C ALA B 133 2.84 -11.36 -10.26
N GLY B 134 3.73 -11.20 -9.29
CA GLY B 134 4.87 -10.31 -9.45
C GLY B 134 5.92 -11.07 -10.19
N ASP B 135 5.85 -12.39 -10.06
CA ASP B 135 6.71 -13.24 -10.86
C ASP B 135 6.14 -14.63 -10.97
N ILE B 136 6.96 -15.54 -11.50
CA ILE B 136 6.58 -16.95 -11.66
C ILE B 136 6.26 -17.69 -10.35
N TRP B 137 6.69 -17.15 -9.20
CA TRP B 137 6.38 -17.78 -7.93
C TRP B 137 5.02 -17.36 -7.41
N GLY B 138 4.30 -16.47 -8.11
CA GLY B 138 2.84 -16.33 -7.90
C GLY B 138 2.29 -15.40 -6.81
N GLU B 139 3.11 -14.59 -6.16
CA GLU B 139 2.53 -13.68 -5.17
C GLU B 139 1.56 -12.69 -5.84
N ILE B 140 0.32 -12.68 -5.38
CA ILE B 140 -0.71 -11.79 -5.91
C ILE B 140 -0.74 -10.57 -5.04
N ASP B 141 -0.75 -9.39 -5.69
CA ASP B 141 -0.92 -8.13 -4.98
C ASP B 141 -1.46 -7.10 -5.96
N THR B 142 -2.26 -6.16 -5.47
CA THR B 142 -2.74 -5.10 -6.35
C THR B 142 -1.61 -4.19 -6.87
N ARG B 143 -0.49 -4.14 -6.15
CA ARG B 143 0.77 -3.56 -6.67
C ARG B 143 1.12 -3.99 -8.10
N PHE B 144 0.92 -5.28 -8.33
CA PHE B 144 1.28 -5.95 -9.55
C PHE B 144 0.28 -5.73 -10.64
N SER B 145 -0.97 -5.49 -10.26
CA SER B 145 -1.99 -5.01 -11.19
C SER B 145 -1.59 -3.63 -11.79
N PHE B 146 -1.13 -2.75 -10.89
CA PHE B 146 -0.62 -1.47 -11.28
C PHE B 146 0.67 -1.61 -12.10
N CYS B 147 1.60 -2.39 -11.63
CA CYS B 147 2.86 -2.51 -12.36
C CYS B 147 2.62 -3.06 -13.76
N ALA B 148 1.76 -4.06 -13.86
CA ALA B 148 1.44 -4.63 -15.17
C ALA B 148 0.94 -3.52 -16.15
N VAL B 149 -0.13 -2.85 -15.80
CA VAL B 149 -0.79 -1.91 -16.71
C VAL B 149 0.02 -0.65 -16.87
N ALA B 150 0.68 -0.20 -15.80
CA ALA B 150 1.60 0.91 -15.95
C ALA B 150 2.70 0.61 -16.98
N THR B 151 3.32 -0.56 -16.90
CA THR B 151 4.35 -0.99 -17.84
C THR B 151 3.82 -1.00 -19.27
N LEU B 152 2.68 -1.64 -19.49
CA LEU B 152 2.10 -1.78 -20.83
C LEU B 152 1.59 -0.47 -21.40
N ALA B 153 1.07 0.41 -20.56
CA ALA B 153 0.61 1.72 -21.00
C ALA B 153 1.76 2.50 -21.64
N LEU B 154 2.92 2.44 -20.95
CA LEU B 154 4.16 3.09 -21.40
C LEU B 154 4.69 2.47 -22.66
N LEU B 155 4.35 1.21 -22.93
CA LEU B 155 4.78 0.58 -24.21
C LEU B 155 3.64 0.58 -25.22
N GLY B 156 2.56 1.29 -24.98
CA GLY B 156 1.44 1.28 -25.91
C GLY B 156 0.79 -0.06 -26.04
N LYS B 157 1.03 -0.98 -25.11
CA LYS B 157 0.59 -2.36 -25.29
C LYS B 157 -0.39 -2.85 -24.25
N LEU B 158 -1.21 -1.94 -23.72
CA LEU B 158 -2.24 -2.30 -22.73
C LEU B 158 -3.21 -3.38 -23.22
N ASP B 159 -3.40 -3.50 -24.54
CA ASP B 159 -4.36 -4.44 -25.08
C ASP B 159 -3.80 -5.87 -25.04
N ALA B 160 -2.50 -6.02 -24.77
CA ALA B 160 -1.90 -7.34 -24.49
C ALA B 160 -2.50 -8.12 -23.28
N ILE B 161 -3.11 -7.42 -22.31
CA ILE B 161 -3.70 -8.11 -21.19
C ILE B 161 -5.22 -8.11 -21.25
N ASN B 162 -5.84 -8.85 -20.33
CA ASN B 162 -7.30 -8.95 -20.26
C ASN B 162 -7.84 -7.83 -19.40
N VAL B 163 -8.16 -6.66 -19.97
CA VAL B 163 -8.44 -5.50 -19.14
C VAL B 163 -9.63 -5.66 -18.20
N GLU B 164 -10.73 -6.13 -18.78
CA GLU B 164 -11.98 -6.38 -18.07
C GLU B 164 -11.80 -7.27 -16.83
N LYS B 165 -11.14 -8.38 -17.00
CA LYS B 165 -10.86 -9.22 -15.85
C LYS B 165 -9.88 -8.54 -14.86
N ALA B 166 -8.89 -7.82 -15.39
CA ALA B 166 -8.05 -6.95 -14.59
C ALA B 166 -8.83 -5.95 -13.71
N ILE B 167 -9.72 -5.18 -14.33
CA ILE B 167 -10.55 -4.20 -13.66
C ILE B 167 -11.34 -4.88 -12.57
N GLU B 168 -11.93 -6.00 -12.90
CA GLU B 168 -12.81 -6.70 -12.01
C GLU B 168 -12.06 -7.17 -10.78
N PHE B 169 -10.85 -7.67 -10.98
CA PHE B 169 -10.05 -8.10 -9.84
C PHE B 169 -9.76 -6.94 -8.88
N VAL B 170 -9.38 -5.82 -9.46
CA VAL B 170 -9.06 -4.61 -8.72
C VAL B 170 -10.28 -4.11 -7.92
N LEU B 171 -11.42 -4.03 -8.60
CA LEU B 171 -12.65 -3.54 -8.00
C LEU B 171 -13.05 -4.46 -6.90
N SER B 172 -12.74 -5.75 -7.00
CA SER B 172 -12.96 -6.72 -5.90
C SER B 172 -12.07 -6.51 -4.63
N CYS B 173 -11.05 -5.66 -4.72
CA CYS B 173 -10.18 -5.29 -3.58
C CYS B 173 -10.63 -3.96 -2.96
N MET B 174 -11.79 -3.48 -3.40
CA MET B 174 -12.35 -2.27 -2.90
C MET B 174 -13.19 -2.60 -1.64
N ASN B 175 -13.13 -1.71 -0.66
CA ASN B 175 -13.54 -2.10 0.70
C ASN B 175 -14.68 -1.22 1.15
N PHE B 176 -15.18 -1.50 2.35
CA PHE B 176 -16.34 -0.80 2.93
C PHE B 176 -16.08 0.68 3.03
N ASP B 177 -14.84 1.03 3.39
CA ASP B 177 -14.45 2.42 3.57
C ASP B 177 -14.20 3.19 2.26
N GLY B 178 -14.34 2.52 1.12
CA GLY B 178 -14.07 3.12 -0.21
C GLY B 178 -12.62 2.92 -0.71
N GLY B 179 -11.76 2.31 0.09
CA GLY B 179 -10.37 2.10 -0.28
C GLY B 179 -10.11 0.74 -0.83
N PHE B 180 -8.82 0.41 -1.00
CA PHE B 180 -8.36 -0.81 -1.63
C PHE B 180 -7.26 -1.44 -0.77
N GLY B 181 -7.17 -2.76 -0.80
CA GLY B 181 -6.05 -3.52 -0.23
C GLY B 181 -5.27 -4.33 -1.28
N CYS B 182 -4.38 -5.18 -0.80
CA CYS B 182 -3.49 -6.00 -1.58
C CYS B 182 -4.24 -6.91 -2.44
N ARG B 183 -5.21 -7.58 -1.79
CA ARG B 183 -5.92 -8.70 -2.33
C ARG B 183 -7.36 -8.56 -1.91
N PRO B 184 -8.25 -9.35 -2.53
CA PRO B 184 -9.64 -9.35 -2.06
C PRO B 184 -9.70 -9.66 -0.55
N GLY B 185 -10.38 -8.85 0.26
CA GLY B 185 -10.49 -9.06 1.72
C GLY B 185 -9.52 -8.21 2.56
N SER B 186 -8.45 -7.70 1.93
CA SER B 186 -7.43 -6.92 2.61
C SER B 186 -7.87 -5.52 2.99
N GLU B 187 -7.36 -5.10 4.15
CA GLU B 187 -7.55 -3.77 4.72
C GLU B 187 -7.09 -2.69 3.75
N SER B 188 -7.89 -1.63 3.60
CA SER B 188 -7.49 -0.47 2.82
C SER B 188 -6.11 0.03 3.29
N HIS B 189 -5.30 0.54 2.36
CA HIS B 189 -3.97 1.03 2.72
C HIS B 189 -3.64 2.01 1.64
N ALA B 190 -3.23 3.21 2.00
CA ALA B 190 -2.95 4.27 1.03
C ALA B 190 -2.05 3.78 -0.14
N GLY B 191 -1.15 2.84 0.18
CA GLY B 191 -0.24 2.29 -0.77
C GLY B 191 -0.95 1.55 -1.86
N GLN B 192 -1.85 0.67 -1.44
CA GLN B 192 -2.61 -0.10 -2.41
C GLN B 192 -3.66 0.77 -3.08
N ILE B 193 -4.13 1.81 -2.41
CA ILE B 193 -5.08 2.73 -3.05
C ILE B 193 -4.45 3.50 -4.24
N TYR B 194 -3.20 3.97 -4.04
CA TYR B 194 -2.38 4.47 -5.13
C TYR B 194 -2.34 3.49 -6.29
N CYS B 195 -2.09 2.22 -6.01
CA CYS B 195 -1.96 1.27 -7.09
C CYS B 195 -3.30 1.06 -7.84
N CYS B 196 -4.38 0.93 -7.08
CA CYS B 196 -5.67 0.71 -7.66
C CYS B 196 -6.21 1.92 -8.38
N THR B 197 -6.07 3.10 -7.79
CA THR B 197 -6.48 4.33 -8.48
C THR B 197 -5.64 4.58 -9.73
N GLY B 198 -4.36 4.28 -9.61
CA GLY B 198 -3.46 4.45 -10.73
C GLY B 198 -3.90 3.53 -11.84
N PHE B 199 -4.25 2.29 -11.46
CA PHE B 199 -4.70 1.28 -12.36
C PHE B 199 -6.01 1.66 -13.06
N LEU B 200 -6.98 2.15 -12.31
CA LEU B 200 -8.23 2.56 -12.88
C LEU B 200 -8.10 3.79 -13.78
N ALA B 201 -7.17 4.68 -13.44
CA ALA B 201 -6.79 5.77 -14.34
C ALA B 201 -6.36 5.18 -15.68
N ILE B 202 -5.36 4.30 -15.65
CA ILE B 202 -4.84 3.75 -16.85
C ILE B 202 -5.93 3.08 -17.67
N THR B 203 -6.87 2.45 -17.01
CA THR B 203 -7.88 1.63 -17.69
C THR B 203 -9.20 2.35 -17.94
N SER B 204 -9.23 3.66 -17.67
CA SER B 204 -10.45 4.49 -17.79
C SER B 204 -11.65 4.05 -16.98
N GLN B 205 -11.44 3.78 -15.69
CA GLN B 205 -12.50 3.25 -14.85
C GLN B 205 -12.64 3.99 -13.57
N LEU B 206 -12.33 5.28 -13.59
CA LEU B 206 -12.38 6.07 -12.40
C LEU B 206 -13.80 6.33 -11.91
N HIS B 207 -14.75 6.35 -12.82
CA HIS B 207 -16.19 6.44 -12.45
C HIS B 207 -16.65 5.33 -11.51
N GLN B 208 -15.87 4.27 -11.41
CA GLN B 208 -16.17 3.23 -10.43
C GLN B 208 -15.62 3.48 -9.02
N VAL B 209 -14.79 4.49 -8.85
CA VAL B 209 -14.36 4.81 -7.54
C VAL B 209 -15.48 5.66 -6.91
N ASN B 210 -15.82 5.43 -5.64
CA ASN B 210 -16.62 6.45 -4.92
C ASN B 210 -15.63 7.48 -4.42
N SER B 211 -15.57 8.59 -5.14
CA SER B 211 -14.54 9.59 -4.93
C SER B 211 -14.66 10.40 -3.68
N ASP B 212 -15.89 10.76 -3.28
CA ASP B 212 -16.10 11.53 -2.05
C ASP B 212 -15.81 10.70 -0.83
N LEU B 213 -16.16 9.43 -0.88
CA LEU B 213 -15.92 8.56 0.22
C LEU B 213 -14.42 8.21 0.31
N LEU B 214 -13.84 7.76 -0.79
CA LEU B 214 -12.43 7.42 -0.73
C LEU B 214 -11.62 8.66 -0.45
N GLY B 215 -12.03 9.79 -1.03
CA GLY B 215 -11.33 11.06 -0.82
C GLY B 215 -11.36 11.50 0.61
N TRP B 216 -12.46 11.20 1.30
CA TRP B 216 -12.60 11.44 2.71
C TRP B 216 -11.71 10.49 3.54
N TRP B 217 -11.75 9.22 3.24
CA TRP B 217 -10.83 8.28 3.90
C TRP B 217 -9.34 8.72 3.74
N LEU B 218 -9.01 9.18 2.53
CA LEU B 218 -7.67 9.59 2.23
C LEU B 218 -7.30 10.81 2.98
N CYS B 219 -8.19 11.81 3.02
CA CYS B 219 -7.84 13.06 3.73
C CYS B 219 -7.82 12.91 5.26
N GLU B 220 -8.37 11.82 5.74
CA GLU B 220 -8.37 11.57 7.18
C GLU B 220 -7.06 10.89 7.58
N ARG B 221 -6.25 10.55 6.57
CA ARG B 221 -4.81 10.15 6.74
C ARG B 221 -3.95 11.23 7.35
N GLN B 222 -4.39 12.49 7.26
CA GLN B 222 -3.60 13.63 7.73
C GLN B 222 -3.79 13.85 9.22
N LEU B 223 -2.65 13.98 9.91
CA LEU B 223 -2.64 13.96 11.35
C LEU B 223 -2.40 15.39 11.80
N PRO B 224 -2.58 15.68 13.11
CA PRO B 224 -2.32 17.07 13.58
C PRO B 224 -0.97 17.68 13.26
N SER B 225 0.08 16.85 13.17
CA SER B 225 1.41 17.33 12.80
C SER B 225 1.44 17.78 11.34
N GLY B 226 0.39 17.44 10.60
CA GLY B 226 0.32 17.72 9.18
C GLY B 226 0.73 16.51 8.35
N GLY B 227 1.40 15.56 8.99
CA GLY B 227 1.83 14.36 8.30
C GLY B 227 0.71 13.39 8.02
N LEU B 228 0.97 12.51 7.03
CA LEU B 228 -0.01 11.52 6.60
C LEU B 228 0.42 10.13 7.00
N ASN B 229 -0.57 9.34 7.44
CA ASN B 229 -0.38 7.90 7.61
C ASN B 229 -1.09 7.13 6.50
N GLY B 230 -0.98 5.80 6.56
CA GLY B 230 -1.40 4.93 5.47
C GLY B 230 -2.75 4.33 5.75
N ARG B 231 -3.14 4.41 7.03
CA ARG B 231 -4.38 3.87 7.49
C ARG B 231 -4.67 4.25 8.95
N PRO B 232 -5.93 4.12 9.40
CA PRO B 232 -6.31 4.77 10.65
C PRO B 232 -5.45 4.37 11.87
N GLU B 233 -5.19 5.36 12.71
CA GLU B 233 -4.41 5.26 13.96
C GLU B 233 -3.03 4.66 13.80
N LYS B 234 -2.38 4.88 12.66
CA LYS B 234 -0.97 4.53 12.50
C LYS B 234 -0.13 5.82 12.52
N LEU B 235 1.18 5.67 12.49
CA LEU B 235 2.09 6.84 12.54
C LEU B 235 2.25 7.41 11.13
N PRO B 236 2.52 8.72 11.04
CA PRO B 236 2.74 9.30 9.71
C PRO B 236 4.11 9.01 9.11
N ASP B 237 4.23 9.20 7.79
CA ASP B 237 5.45 8.86 7.09
C ASP B 237 5.43 9.64 5.76
N VAL B 238 6.56 10.26 5.42
CA VAL B 238 6.57 11.17 4.28
C VAL B 238 6.23 10.44 2.99
N CYS B 239 6.52 9.14 2.90
CA CYS B 239 6.27 8.52 1.65
C CYS B 239 4.72 8.53 1.33
N TYR B 240 3.89 8.65 2.37
CA TYR B 240 2.46 8.68 2.18
C TYR B 240 2.05 9.96 1.54
N SER B 241 2.91 10.97 1.64
CA SER B 241 2.76 12.19 0.88
C SER B 241 2.58 11.80 -0.54
N TRP B 242 3.27 10.78 -1.02
CA TRP B 242 3.01 10.28 -2.36
C TRP B 242 1.78 9.42 -2.46
N TRP B 243 1.69 8.38 -1.64
CA TRP B 243 0.60 7.41 -1.85
C TRP B 243 -0.76 8.10 -1.78
N VAL B 244 -0.96 8.94 -0.77
CA VAL B 244 -2.25 9.59 -0.52
C VAL B 244 -2.52 10.69 -1.54
N LEU B 245 -1.57 11.59 -1.72
CA LEU B 245 -1.70 12.68 -2.67
C LEU B 245 -1.94 12.17 -4.09
N ALA B 246 -1.14 11.21 -4.53
CA ALA B 246 -1.25 10.73 -5.88
C ALA B 246 -2.67 10.22 -6.05
N SER B 247 -3.13 9.41 -5.12
CA SER B 247 -4.51 8.94 -5.11
C SER B 247 -5.55 10.08 -5.18
N LEU B 248 -5.34 11.12 -4.40
CA LEU B 248 -6.33 12.22 -4.36
C LEU B 248 -6.33 13.00 -5.67
N LYS B 249 -5.14 13.29 -6.20
CA LYS B 249 -5.06 13.99 -7.44
C LYS B 249 -5.79 13.19 -8.45
N ILE B 250 -5.61 11.87 -8.44
CA ILE B 250 -6.23 11.04 -9.48
C ILE B 250 -7.77 11.10 -9.49
N ILE B 251 -8.36 11.19 -8.30
CA ILE B 251 -9.80 11.18 -8.14
C ILE B 251 -10.31 12.60 -7.95
N GLY B 252 -9.42 13.56 -8.16
CA GLY B 252 -9.76 14.96 -8.18
C GLY B 252 -10.09 15.58 -6.84
N ARG B 253 -9.48 15.09 -5.74
CA ARG B 253 -9.81 15.62 -4.39
C ARG B 253 -8.56 16.04 -3.63
N LEU B 254 -7.51 16.41 -4.38
CA LEU B 254 -6.23 16.73 -3.80
C LEU B 254 -6.35 17.83 -2.75
N HIS B 255 -7.23 18.78 -3.03
CA HIS B 255 -7.51 19.91 -2.12
C HIS B 255 -8.20 19.53 -0.79
N TRP B 256 -8.46 18.25 -0.57
CA TRP B 256 -9.10 17.79 0.65
C TRP B 256 -8.16 17.64 1.82
N ILE B 257 -6.85 17.69 1.57
CA ILE B 257 -5.89 17.75 2.65
C ILE B 257 -5.39 19.19 2.83
N ASP B 258 -5.01 19.48 4.07
CA ASP B 258 -4.39 20.71 4.37
C ASP B 258 -2.95 20.72 3.80
N ARG B 259 -2.78 21.49 2.74
CA ARG B 259 -1.59 21.50 1.95
C ARG B 259 -0.40 22.13 2.66
N GLU B 260 -0.65 23.10 3.53
CA GLU B 260 0.43 23.84 4.19
C GLU B 260 0.99 23.04 5.36
N LYS B 261 0.11 22.44 6.13
CA LYS B 261 0.52 21.54 7.20
C LYS B 261 1.29 20.35 6.67
N LEU B 262 0.83 19.77 5.58
CA LEU B 262 1.49 18.67 4.94
C LEU B 262 2.85 19.09 4.44
N ARG B 263 2.91 20.22 3.75
CA ARG B 263 4.16 20.77 3.26
C ARG B 263 5.14 20.98 4.45
N SER B 264 4.66 21.58 5.53
CA SER B 264 5.51 21.69 6.74
C SER B 264 6.02 20.35 7.24
N PHE B 265 5.19 19.30 7.16
CA PHE B 265 5.63 17.95 7.53
C PHE B 265 6.74 17.46 6.61
N ILE B 266 6.51 17.56 5.29
CA ILE B 266 7.44 17.05 4.32
C ILE B 266 8.85 17.67 4.43
N LEU B 267 8.90 18.98 4.59
CA LEU B 267 10.17 19.69 4.74
C LEU B 267 10.85 19.32 6.06
N ALA B 268 10.03 19.16 7.10
CA ALA B 268 10.49 18.70 8.43
C ALA B 268 11.20 17.34 8.39
N CYS B 269 11.03 16.59 7.30
CA CYS B 269 11.56 15.25 7.19
C CYS B 269 12.93 15.19 6.53
N GLN B 270 13.32 16.32 5.94
CA GLN B 270 14.66 16.48 5.38
C GLN B 270 15.76 16.37 6.43
N ASP B 271 16.89 15.80 6.02
CA ASP B 271 18.14 15.93 6.75
C ASP B 271 18.95 17.07 6.14
N GLU B 272 19.07 18.15 6.91
CA GLU B 272 19.79 19.37 6.56
C GLU B 272 21.29 19.19 6.34
N GLU B 273 21.89 18.21 7.04
CA GLU B 273 23.33 17.95 6.89
C GLU B 273 23.61 17.11 5.63
N THR B 274 22.96 15.96 5.49
CA THR B 274 23.33 14.98 4.48
C THR B 274 22.47 15.04 3.25
N GLY B 275 21.34 15.73 3.36
CA GLY B 275 20.34 15.73 2.30
C GLY B 275 19.52 14.48 2.41
N GLY B 276 18.66 14.27 1.43
CA GLY B 276 17.60 13.27 1.53
C GLY B 276 16.44 13.65 2.44
N PHE B 277 15.34 12.91 2.32
CA PHE B 277 14.24 12.88 3.31
C PHE B 277 14.24 11.57 4.08
N ALA B 278 13.77 11.59 5.33
CA ALA B 278 13.43 10.36 6.07
C ALA B 278 11.90 10.15 6.19
N ASP B 279 11.47 8.94 6.55
CA ASP B 279 10.05 8.68 6.84
C ASP B 279 9.47 9.71 7.80
N ARG B 280 10.18 10.00 8.89
CA ARG B 280 9.78 11.11 9.78
C ARG B 280 10.97 11.90 10.23
N PRO B 281 10.73 13.13 10.72
CA PRO B 281 11.82 14.05 11.04
C PRO B 281 12.89 13.49 11.97
N GLY B 282 14.15 13.77 11.64
CA GLY B 282 15.29 13.35 12.47
C GLY B 282 15.77 11.93 12.27
N ASP B 283 15.02 11.11 11.53
CA ASP B 283 15.46 9.77 11.13
C ASP B 283 16.43 9.76 9.93
N MET B 284 17.13 8.65 9.78
CA MET B 284 18.03 8.45 8.66
C MET B 284 17.26 8.49 7.36
N VAL B 285 17.73 9.31 6.45
CA VAL B 285 17.23 9.40 5.13
C VAL B 285 17.48 8.14 4.28
N ASP B 286 16.71 8.05 3.20
CA ASP B 286 17.00 7.11 2.16
C ASP B 286 16.44 7.68 0.85
N PRO B 287 16.86 7.15 -0.30
CA PRO B 287 16.40 7.52 -1.63
C PRO B 287 14.89 7.44 -1.98
N PHE B 288 14.26 6.39 -1.47
CA PHE B 288 12.84 6.15 -1.61
C PHE B 288 12.09 7.33 -0.97
N HIS B 289 12.38 7.59 0.29
CA HIS B 289 11.66 8.66 1.02
C HIS B 289 11.98 10.00 0.41
N THR B 290 13.19 10.11 -0.14
CA THR B 290 13.63 11.30 -0.89
C THR B 290 12.81 11.47 -2.15
N LEU B 291 12.68 10.46 -3.00
CA LEU B 291 11.74 10.61 -4.14
C LEU B 291 10.32 11.09 -3.71
N PHE B 292 9.75 10.42 -2.71
CA PHE B 292 8.31 10.59 -2.38
C PHE B 292 8.01 11.86 -1.65
N GLY B 293 8.98 12.35 -0.88
CA GLY B 293 8.99 13.76 -0.39
C GLY B 293 8.95 14.78 -1.52
N ILE B 294 9.80 14.60 -2.53
CA ILE B 294 9.89 15.54 -3.65
C ILE B 294 8.66 15.41 -4.55
N ALA B 295 8.30 14.16 -4.87
CA ALA B 295 7.09 13.93 -5.68
C ALA B 295 5.84 14.44 -4.98
N GLY B 296 5.73 14.19 -3.67
CA GLY B 296 4.63 14.82 -2.88
C GLY B 296 4.61 16.35 -2.94
N LEU B 297 5.76 16.99 -2.80
CA LEU B 297 5.79 18.45 -2.94
C LEU B 297 5.35 18.96 -4.31
N SER B 298 5.73 18.18 -5.32
CA SER B 298 5.41 18.54 -6.69
C SER B 298 3.93 18.42 -6.92
N LEU B 299 3.33 17.41 -6.32
CA LEU B 299 1.87 17.24 -6.37
C LEU B 299 1.13 18.41 -5.76
N LEU B 300 1.68 19.01 -4.72
CA LEU B 300 1.16 20.22 -4.12
C LEU B 300 1.55 21.52 -4.78
N GLY B 301 2.28 21.51 -5.89
CA GLY B 301 2.65 22.75 -6.58
C GLY B 301 3.91 23.50 -6.11
N GLU B 302 4.97 22.80 -5.75
CA GLU B 302 6.26 23.43 -5.45
C GLU B 302 6.91 23.83 -6.74
N GLU B 303 7.46 25.04 -6.76
CA GLU B 303 7.88 25.67 -8.02
C GLU B 303 9.20 25.16 -8.60
N GLN B 304 10.14 24.82 -7.73
CA GLN B 304 11.44 24.28 -8.20
C GLN B 304 11.38 22.81 -8.65
N ILE B 305 10.22 22.18 -8.55
CA ILE B 305 10.12 20.79 -8.91
C ILE B 305 9.23 20.67 -10.14
N LYS B 306 9.67 19.87 -11.11
CA LYS B 306 8.86 19.64 -12.28
C LYS B 306 7.54 18.96 -11.84
N PRO B 307 6.42 19.30 -12.52
CA PRO B 307 5.14 18.58 -12.26
C PRO B 307 5.30 17.09 -12.55
N VAL B 308 4.70 16.26 -11.71
CA VAL B 308 4.85 14.81 -11.79
C VAL B 308 3.49 14.24 -12.11
N SER B 309 3.46 13.28 -13.04
CA SER B 309 2.27 12.51 -13.22
C SER B 309 1.90 11.82 -11.92
N PRO B 310 0.63 11.99 -11.42
CA PRO B 310 0.17 11.28 -10.19
C PRO B 310 -0.01 9.79 -10.42
N VAL B 311 -0.16 9.37 -11.66
CA VAL B 311 -0.26 7.98 -12.06
C VAL B 311 1.11 7.31 -12.16
N PHE B 312 2.02 7.90 -12.93
CA PHE B 312 3.25 7.23 -13.28
C PHE B 312 4.43 7.62 -12.43
N CYS B 313 4.26 8.60 -11.57
CA CYS B 313 5.35 9.08 -10.73
C CYS B 313 6.61 9.29 -11.61
N MET B 314 6.42 10.14 -12.61
CA MET B 314 7.48 10.55 -13.51
C MET B 314 7.09 11.93 -13.95
N PRO B 315 8.08 12.75 -14.34
CA PRO B 315 7.77 14.12 -14.77
C PRO B 315 6.64 14.16 -15.79
N GLU B 316 5.66 15.05 -15.62
CA GLU B 316 4.64 15.19 -16.67
C GLU B 316 5.24 15.28 -18.07
N GLU B 317 6.31 16.06 -18.26
CA GLU B 317 6.84 16.30 -19.60
C GLU B 317 7.32 15.03 -20.28
N VAL B 318 7.91 14.11 -19.55
CA VAL B 318 8.25 12.81 -20.15
C VAL B 318 7.01 12.12 -20.74
N LEU B 319 5.92 12.06 -20.00
CA LEU B 319 4.68 11.46 -20.48
C LEU B 319 3.99 12.21 -21.60
N GLN B 320 4.12 13.54 -21.61
CA GLN B 320 3.65 14.39 -22.71
C GLN B 320 4.33 13.92 -24.02
N ARG B 321 5.65 13.75 -23.94
CA ARG B 321 6.45 13.26 -25.05
C ARG B 321 5.96 11.93 -25.61
N VAL B 322 5.68 10.95 -24.76
CA VAL B 322 5.16 9.66 -25.23
C VAL B 322 3.64 9.62 -25.42
N ASN B 323 2.93 10.70 -25.05
CA ASN B 323 1.46 10.79 -25.30
C ASN B 323 0.68 9.64 -24.57
N VAL B 324 1.07 9.43 -23.30
CA VAL B 324 0.34 8.54 -22.38
C VAL B 324 0.04 9.36 -21.12
N GLN B 325 -1.19 9.84 -21.05
CA GLN B 325 -1.64 10.75 -19.99
C GLN B 325 -3.10 10.39 -19.70
N PRO B 326 -3.34 9.40 -18.80
CA PRO B 326 -4.71 9.05 -18.45
C PRO B 326 -5.49 10.25 -17.93
N GLU B 327 -6.74 10.33 -18.40
CA GLU B 327 -7.67 11.29 -17.94
C GLU B 327 -8.00 10.92 -16.48
N LEU B 328 -8.14 11.97 -15.67
CA LEU B 328 -8.34 11.82 -14.23
C LEU B 328 -9.76 12.29 -14.00
N VAL B 329 -10.23 12.18 -12.75
CA VAL B 329 -11.56 12.61 -12.38
C VAL B 329 -11.71 14.11 -12.58
N SER B 330 -11.06 14.94 -11.77
CA SER B 330 -11.36 16.40 -11.86
C SER B 330 -10.44 17.31 -11.03
ZN ZN C . 7.75 5.35 4.14
CA CA D . 25.81 12.22 -16.98
C1 3PZ E . 11.35 0.78 1.85
N1 3PZ E . 10.46 -1.56 -0.09
O1 3PZ E . 12.34 -3.12 -0.65
S1 3PZ E . 11.45 -2.76 0.50
C2 3PZ E . 11.80 0.56 0.55
N2 3PZ E . 10.22 0.30 2.32
O2 3PZ E . 10.59 -3.93 0.85
C3 3PZ E . 12.96 1.17 0.08
N3 3PZ E . 8.27 3.37 4.39
O3 3PZ E . 14.33 -1.24 5.38
C4 3PZ E . 13.67 2.01 0.90
N4 3PZ E . 8.49 1.45 5.41
C5 3PZ E . 13.22 2.26 2.20
N5 3PZ E . 15.80 3.15 0.05
C6 3PZ E . 12.06 1.66 2.68
C7 3PZ E . 11.14 -0.31 -0.53
C8 3PZ E . 9.25 -1.42 0.70
C9 3PZ E . 9.11 -0.04 1.40
C10 3PZ E . 9.94 0.18 3.77
C11 3PZ E . 9.14 1.38 4.25
C12 3PZ E . 8.98 2.55 3.63
C13 3PZ E . 7.95 2.67 5.50
C14 3PZ E . 8.45 0.34 6.44
C15 3PZ E . 8.03 -1.77 -0.22
C16 3PZ E . 7.64 0.55 -3.87
C17 3PZ E . 8.53 -0.53 -3.82
C18 3PZ E . 8.66 -1.26 -2.64
C19 3PZ E . 7.90 -0.95 -1.51
C20 3PZ E . 7.00 0.11 -1.59
C21 3PZ E . 6.87 0.85 -2.77
C22 3PZ E . 13.75 -1.57 4.19
C23 3PZ E . 14.36 -1.39 2.94
C24 3PZ E . 13.68 -1.76 1.78
C25 3PZ E . 12.39 -2.30 1.89
C26 3PZ E . 11.81 -2.49 3.13
C27 3PZ E . 12.48 -2.12 4.26
C28 3PZ E . 15.60 -0.55 5.22
C29 3PZ E . 14.86 2.64 0.42
C20 GRG F . 5.87 4.94 -7.32
C19 GRG F . 5.65 3.92 -9.74
C18 GRG F . 5.60 3.74 -8.21
C17 GRG F . 5.29 2.53 -7.58
C16 GRG F . 5.00 1.25 -8.07
C14 GRG F . 5.21 -1.33 -5.84
C13 GRG F . 4.23 -0.12 -5.96
C15 GRG F . 3.84 0.58 -7.30
C12 GRG F . 3.64 0.35 -4.82
C11 GRG F . 3.77 -0.10 -3.52
C9 GRG F . 2.64 0.59 -2.72
C8 GRG F . 2.70 0.34 -1.24
C10 GRG F . 2.18 -0.99 -0.76
C7 GRG F . 3.16 1.33 -0.38
C6 GRG F . 3.28 1.36 1.03
C5 GRG F . 4.74 1.52 1.50
C3 GRG F . 4.77 1.56 3.03
C4 GRG F . 4.87 2.90 3.71
C2 GRG F . 4.67 0.36 3.73
C1 GRG F . 4.64 0.14 5.12
O1 GRG F . 3.21 -0.02 5.52
PA GRG F . 2.88 -0.72 6.86
O1A GRG F . 3.41 -2.11 6.85
O3A GRG F . 3.70 0.11 7.86
O2A GRG F . 1.48 -0.53 7.16
PB GRG F . 3.27 1.50 8.43
O1B GRG F . 3.68 2.67 7.36
O2B GRG F . 4.36 1.51 9.65
O3B GRG F . 1.84 1.67 8.85
#